data_6YLV
#
_entry.id   6YLV
#
_cell.length_a   38.350
_cell.length_b   38.390
_cell.length_c   148.080
_cell.angle_alpha   85.276
_cell.angle_beta   88.416
_cell.angle_gamma   77.234
#
_symmetry.space_group_name_H-M   'P 1'
#
loop_
_entity.id
_entity.type
_entity.pdbx_description
1 polymer 'Eukaryotic translation initiation factor 4E'
2 non-polymer "4-Cl-Bn7GpppG mRNA 5' cap analog"
3 non-polymer GLYCEROL
4 water water
#
_entity_poly.entity_id   1
_entity_poly.type   'polypeptide(L)'
_entity_poly.pdbx_seq_one_letter_code
;MVANPEHYIKHPLQNRWALWFFKNDKSKTWQANLRLISKFDTVEDFWALYNHIQLSSNLMPGCDYSLFKDGIEPMWEDEK
NKRGGRWLITLNKQQRRSDLDRFWLETLLCLIGESFDDYSDDVCGAVVNVRAKGDKIAIWTTECENRDAVTHIGRVYKER
LGLPPKIVIGYQSHADTATKSGSTTKNRFVV
;
_entity_poly.pdbx_strand_id   A,B,C,D
#
loop_
_chem_comp.id
_chem_comp.type
_chem_comp.name
_chem_comp.formula
GOL non-polymer GLYCEROL 'C3 H8 O3'
OYW RNA linking '4-Cl-Bn7GpppG mRNA 5' cap analog' 'C27 H33 Cl N10 O18 P3 1'
#
# COMPACT_ATOMS: atom_id res chain seq x y z
N ALA A 3 22.07 10.12 48.35
CA ALA A 3 20.90 9.34 47.98
C ALA A 3 20.98 8.88 46.53
N ASN A 4 20.89 7.57 46.32
CA ASN A 4 20.91 7.04 44.96
C ASN A 4 19.60 7.36 44.26
N PRO A 5 19.63 7.87 43.03
CA PRO A 5 18.41 8.46 42.45
C PRO A 5 17.38 7.44 42.00
N GLU A 6 17.79 6.21 41.68
CA GLU A 6 16.87 5.24 41.08
C GLU A 6 15.70 4.93 42.00
N HIS A 7 15.95 4.87 43.31
CA HIS A 7 14.93 4.37 44.24
C HIS A 7 13.73 5.30 44.35
N TYR A 8 13.94 6.62 44.31
CA TYR A 8 12.90 7.53 44.73
C TYR A 8 12.46 8.59 43.72
N ILE A 9 13.03 8.62 42.51
CA ILE A 9 12.66 9.61 41.52
C ILE A 9 11.81 8.97 40.43
N LYS A 10 10.77 9.67 40.03
CA LYS A 10 9.97 9.28 38.88
C LYS A 10 10.80 9.39 37.61
N HIS A 11 10.63 8.43 36.71
CA HIS A 11 11.38 8.46 35.46
CA HIS A 11 11.38 8.46 35.46
C HIS A 11 10.78 9.51 34.53
N PRO A 12 11.54 10.53 34.13
CA PRO A 12 10.98 11.59 33.30
C PRO A 12 10.92 11.21 31.83
N LEU A 13 9.89 11.72 31.16
CA LEU A 13 9.75 11.56 29.72
C LEU A 13 10.55 12.64 29.01
N GLN A 14 10.83 12.40 27.72
CA GLN A 14 11.59 13.37 26.95
C GLN A 14 10.81 14.65 26.70
N ASN A 15 9.48 14.58 26.73
CA ASN A 15 8.64 15.75 26.54
C ASN A 15 7.48 15.69 27.53
N ARG A 16 6.90 16.84 27.80
CA ARG A 16 5.65 16.93 28.55
C ARG A 16 4.48 16.90 27.57
N TRP A 17 3.51 16.03 27.83
CA TRP A 17 2.37 15.82 26.95
C TRP A 17 1.10 16.35 27.59
N ALA A 18 0.14 16.71 26.75
CA ALA A 18 -1.16 17.20 27.18
C ALA A 18 -2.25 16.37 26.52
N LEU A 19 -3.19 15.86 27.32
CA LEU A 19 -4.26 15.01 26.81
C LEU A 19 -5.55 15.80 26.76
N TRP A 20 -6.22 15.76 25.61
CA TRP A 20 -7.43 16.53 25.37
C TRP A 20 -8.62 15.60 25.23
N PHE A 21 -9.80 16.12 25.56
CA PHE A 21 -11.06 15.41 25.35
C PHE A 21 -12.01 16.29 24.55
N PHE A 22 -12.76 15.66 23.66
CA PHE A 22 -13.76 16.36 22.87
C PHE A 22 -15.09 15.65 23.02
N LYS A 23 -16.15 16.41 23.26
CA LYS A 23 -17.50 15.85 23.37
C LYS A 23 -18.41 16.65 22.44
N ASN A 24 -18.98 15.96 21.45
CA ASN A 24 -19.85 16.61 20.48
C ASN A 24 -21.09 17.18 21.15
N ASP A 25 -21.27 18.51 21.07
CA ASP A 25 -22.47 19.18 21.55
C ASP A 25 -22.77 20.30 20.56
N LYS A 26 -23.92 20.19 19.89
CA LYS A 26 -24.31 21.16 18.89
C LYS A 26 -24.55 22.55 19.47
N SER A 27 -24.80 22.64 20.78
CA SER A 27 -25.03 23.95 21.40
C SER A 27 -23.79 24.83 21.33
N LYS A 28 -22.61 24.24 21.29
CA LYS A 28 -21.35 24.97 21.28
C LYS A 28 -20.62 24.75 19.95
N THR A 29 -19.67 25.64 19.66
CA THR A 29 -18.82 25.47 18.50
C THR A 29 -17.83 24.32 18.75
N TRP A 30 -17.13 23.94 17.68
CA TRP A 30 -16.22 22.80 17.78
C TRP A 30 -15.06 23.08 18.72
N GLN A 31 -14.43 24.25 18.57
CA GLN A 31 -13.31 24.59 19.45
C GLN A 31 -13.77 24.73 20.90
N ALA A 32 -15.00 25.19 21.12
CA ALA A 32 -15.52 25.32 22.47
C ALA A 32 -15.72 23.97 23.14
N ASN A 33 -15.91 22.91 22.35
CA ASN A 33 -16.08 21.57 22.90
C ASN A 33 -14.75 20.89 23.22
N LEU A 34 -13.63 21.52 22.86
CA LEU A 34 -12.32 20.98 23.20
C LEU A 34 -11.96 21.36 24.64
N ARG A 35 -11.59 20.36 25.43
CA ARG A 35 -11.28 20.55 26.84
C ARG A 35 -9.98 19.84 27.14
N LEU A 36 -9.00 20.58 27.67
CA LEU A 36 -7.75 19.98 28.09
C LEU A 36 -7.95 19.27 29.42
N ILE A 37 -7.64 17.98 29.46
CA ILE A 37 -7.85 17.19 30.68
C ILE A 37 -6.72 17.40 31.66
N SER A 38 -5.51 16.98 31.28
CA SER A 38 -4.38 17.02 32.19
C SER A 38 -3.09 16.93 31.39
N LYS A 39 -1.99 17.27 32.05
CA LYS A 39 -0.65 17.17 31.50
C LYS A 39 0.22 16.30 32.40
N PHE A 40 1.30 15.80 31.82
CA PHE A 40 2.20 14.91 32.55
C PHE A 40 3.55 14.92 31.84
N ASP A 41 4.59 14.57 32.60
CA ASP A 41 5.94 14.49 32.03
C ASP A 41 6.76 13.33 32.61
N THR A 42 6.14 12.42 33.38
CA THR A 42 6.83 11.27 33.93
C THR A 42 6.13 9.99 33.50
N VAL A 43 6.85 8.87 33.62
CA VAL A 43 6.25 7.58 33.32
C VAL A 43 5.10 7.28 34.28
N GLU A 44 5.33 7.52 35.58
CA GLU A 44 4.32 7.17 36.58
C GLU A 44 3.07 8.03 36.46
N ASP A 45 3.22 9.30 36.08
CA ASP A 45 2.06 10.18 35.96
C ASP A 45 1.24 9.89 34.72
N PHE A 46 1.81 9.27 33.69
CA PHE A 46 1.03 8.88 32.53
C PHE A 46 0.11 7.71 32.86
N TRP A 47 0.67 6.67 33.49
CA TRP A 47 -0.12 5.50 33.86
C TRP A 47 -1.17 5.85 34.91
N ALA A 48 -0.86 6.77 35.81
CA ALA A 48 -1.85 7.21 36.79
C ALA A 48 -3.04 7.88 36.12
N LEU A 49 -2.80 8.60 35.02
CA LEU A 49 -3.90 9.26 34.32
C LEU A 49 -4.61 8.30 33.37
N TYR A 50 -3.86 7.39 32.73
CA TYR A 50 -4.47 6.45 31.80
C TYR A 50 -5.40 5.48 32.51
N ASN A 51 -4.98 4.96 33.67
CA ASN A 51 -5.78 4.02 34.44
C ASN A 51 -6.92 4.71 35.19
N HIS A 52 -7.05 6.03 35.07
CA HIS A 52 -8.09 6.77 35.76
C HIS A 52 -9.19 7.24 34.81
N ILE A 53 -8.94 7.24 33.50
CA ILE A 53 -9.92 7.67 32.51
C ILE A 53 -10.51 6.44 31.84
N GLN A 54 -11.68 6.63 31.22
CA GLN A 54 -12.36 5.53 30.53
C GLN A 54 -11.64 5.15 29.25
N LEU A 55 -11.81 3.90 28.84
CA LEU A 55 -11.27 3.44 27.57
C LEU A 55 -12.08 4.00 26.41
N SER A 56 -11.43 4.15 25.25
CA SER A 56 -12.09 4.75 24.10
C SER A 56 -13.18 3.85 23.54
N SER A 57 -13.08 2.54 23.77
CA SER A 57 -14.20 1.67 23.46
C SER A 57 -15.38 2.02 24.34
N ASN A 58 -15.13 2.55 25.53
CA ASN A 58 -16.21 2.76 26.45
C ASN A 58 -16.79 4.16 26.32
N LEU A 59 -16.19 4.99 25.46
CA LEU A 59 -16.63 6.36 25.23
C LEU A 59 -17.86 6.41 24.35
N MET A 60 -18.70 7.43 24.60
CA MET A 60 -19.88 7.63 23.78
C MET A 60 -19.48 8.02 22.36
N PRO A 61 -20.18 7.50 21.35
CA PRO A 61 -19.87 7.87 19.96
C PRO A 61 -19.96 9.37 19.76
N GLY A 62 -18.95 9.93 19.09
CA GLY A 62 -18.83 11.36 18.91
C GLY A 62 -17.80 12.03 19.79
N CYS A 63 -17.11 11.27 20.64
CA CYS A 63 -16.11 11.82 21.54
C CYS A 63 -14.71 11.46 21.03
N ASP A 64 -13.74 12.31 21.38
CA ASP A 64 -12.37 12.16 20.92
C ASP A 64 -11.40 12.20 22.09
N TYR A 65 -10.30 11.47 21.95
CA TYR A 65 -9.14 11.59 22.82
C TYR A 65 -7.99 12.12 21.99
N SER A 66 -7.27 13.10 22.53
CA SER A 66 -6.14 13.72 21.84
C SER A 66 -5.01 13.90 22.83
N LEU A 67 -3.80 13.48 22.46
CA LEU A 67 -2.61 13.75 23.26
C LEU A 67 -1.57 14.40 22.37
N PHE A 68 -1.13 15.59 22.75
CA PHE A 68 -0.20 16.38 21.95
C PHE A 68 0.91 16.92 22.84
N LYS A 69 2.06 17.20 22.23
CA LYS A 69 3.14 17.84 22.97
C LYS A 69 2.67 19.18 23.51
N ASP A 70 3.07 19.48 24.74
CA ASP A 70 2.67 20.74 25.37
C ASP A 70 3.15 21.92 24.53
N GLY A 71 2.22 22.79 24.17
CA GLY A 71 2.47 23.90 23.28
C GLY A 71 1.85 23.74 21.91
N ILE A 72 1.56 22.50 21.49
CA ILE A 72 0.86 22.23 20.25
C ILE A 72 -0.57 21.82 20.59
N GLU A 73 -1.51 22.48 20.00
CA GLU A 73 -2.93 22.23 20.23
C GLU A 73 -3.51 21.32 19.15
N PRO A 74 -4.49 20.48 19.49
CA PRO A 74 -5.06 19.58 18.48
C PRO A 74 -5.92 20.30 17.47
N MET A 75 -5.29 21.15 16.65
CA MET A 75 -5.98 21.92 15.62
C MET A 75 -5.04 22.06 14.42
N TRP A 76 -5.57 21.97 13.20
CA TRP A 76 -4.66 22.12 12.07
CA TRP A 76 -4.74 22.16 12.01
C TRP A 76 -4.17 23.56 11.93
N GLU A 77 -4.89 24.55 12.47
CA GLU A 77 -4.44 25.93 12.38
C GLU A 77 -3.21 26.23 13.23
N ASP A 78 -2.85 25.36 14.18
CA ASP A 78 -1.67 25.61 14.98
C ASP A 78 -0.43 25.64 14.08
N GLU A 79 0.54 26.47 14.47
CA GLU A 79 1.69 26.74 13.60
C GLU A 79 2.44 25.47 13.24
N LYS A 80 2.48 24.50 14.16
CA LYS A 80 3.17 23.23 13.90
C LYS A 80 2.26 22.19 13.26
N ASN A 81 1.06 22.60 12.82
CA ASN A 81 0.13 21.69 12.16
C ASN A 81 -0.37 22.17 10.81
N LYS A 82 -0.11 23.42 10.42
CA LYS A 82 -0.66 23.93 9.16
C LYS A 82 -0.08 23.19 7.96
N ARG A 83 1.21 22.86 8.02
CA ARG A 83 1.91 22.24 6.89
C ARG A 83 2.18 20.76 7.12
N GLY A 84 1.44 20.11 8.04
CA GLY A 84 1.66 18.73 8.37
C GLY A 84 0.55 17.82 7.88
N GLY A 85 0.48 16.64 8.49
CA GLY A 85 -0.54 15.68 8.10
C GLY A 85 -0.66 14.57 9.12
N ARG A 86 -1.41 13.53 8.75
CA ARG A 86 -1.74 12.44 9.67
C ARG A 86 -1.48 11.10 8.99
N TRP A 87 -0.98 10.14 9.77
CA TRP A 87 -1.00 8.74 9.38
C TRP A 87 -2.33 8.16 9.85
N LEU A 88 -3.21 7.86 8.89
CA LEU A 88 -4.61 7.58 9.18
C LEU A 88 -4.85 6.08 9.22
N ILE A 89 -5.52 5.61 10.28
CA ILE A 89 -5.92 4.22 10.44
C ILE A 89 -7.44 4.18 10.57
N THR A 90 -8.09 3.49 9.64
CA THR A 90 -9.55 3.36 9.64
C THR A 90 -9.93 2.03 10.27
N LEU A 91 -10.97 2.05 11.10
CA LEU A 91 -11.39 0.88 11.86
C LEU A 91 -12.88 0.65 11.66
N ASN A 92 -13.27 -0.60 11.44
CA ASN A 92 -14.68 -0.92 11.25
C ASN A 92 -15.36 -1.12 12.59
N LYS A 93 -16.68 -1.36 12.55
CA LYS A 93 -17.46 -1.46 13.78
C LYS A 93 -17.04 -2.65 14.63
N GLN A 94 -16.47 -3.70 14.02
CA GLN A 94 -16.09 -4.87 14.78
CA GLN A 94 -16.09 -4.87 14.78
C GLN A 94 -14.73 -4.71 15.45
N GLN A 95 -13.85 -3.86 14.90
CA GLN A 95 -12.55 -3.62 15.50
C GLN A 95 -12.65 -2.81 16.78
N ARG A 96 -13.78 -2.14 17.04
CA ARG A 96 -13.98 -1.47 18.31
C ARG A 96 -13.77 -2.42 19.48
N ARG A 97 -14.28 -3.65 19.38
CA ARG A 97 -14.14 -4.61 20.45
C ARG A 97 -12.76 -5.26 20.47
N SER A 98 -12.18 -5.49 19.29
CA SER A 98 -10.98 -6.32 19.17
C SER A 98 -9.68 -5.52 19.14
N ASP A 99 -9.64 -4.36 18.48
CA ASP A 99 -8.38 -3.69 18.25
C ASP A 99 -8.32 -2.24 18.71
N LEU A 100 -9.45 -1.60 19.03
CA LEU A 100 -9.44 -0.14 19.22
C LEU A 100 -8.65 0.25 20.45
N ASP A 101 -8.80 -0.48 21.55
CA ASP A 101 -8.13 -0.13 22.80
C ASP A 101 -6.64 -0.46 22.75
N ARG A 102 -6.27 -1.63 22.22
CA ARG A 102 -4.85 -1.95 22.15
C ARG A 102 -4.11 -1.07 21.14
N PHE A 103 -4.80 -0.67 20.06
CA PHE A 103 -4.17 0.22 19.08
C PHE A 103 -3.90 1.60 19.67
N TRP A 104 -4.84 2.12 20.46
CA TRP A 104 -4.68 3.46 21.01
C TRP A 104 -3.60 3.48 22.09
N LEU A 105 -3.52 2.43 22.91
CA LEU A 105 -2.48 2.37 23.92
C LEU A 105 -1.10 2.25 23.28
N GLU A 106 -0.98 1.42 22.25
CA GLU A 106 0.29 1.33 21.53
C GLU A 106 0.63 2.66 20.88
N THR A 107 -0.38 3.37 20.35
CA THR A 107 -0.16 4.70 19.82
C THR A 107 0.42 5.64 20.87
N LEU A 108 -0.20 5.67 22.06
CA LEU A 108 0.31 6.50 23.14
C LEU A 108 1.74 6.14 23.50
N LEU A 109 2.06 4.84 23.55
CA LEU A 109 3.40 4.41 23.95
C LEU A 109 4.45 4.76 22.91
N CYS A 110 4.11 4.69 21.62
CA CYS A 110 5.07 5.05 20.58
C CYS A 110 5.41 6.54 20.61
N LEU A 111 4.55 7.36 21.20
CA LEU A 111 4.80 8.80 21.27
C LEU A 111 5.62 9.15 22.51
N ILE A 112 5.11 8.81 23.70
CA ILE A 112 5.83 9.14 24.93
C ILE A 112 7.13 8.36 25.04
N GLY A 113 7.26 7.26 24.29
CA GLY A 113 8.49 6.52 24.22
C GLY A 113 9.43 6.94 23.10
N GLU A 114 8.99 7.87 22.25
CA GLU A 114 9.76 8.37 21.11
C GLU A 114 10.30 7.21 20.28
N SER A 115 9.37 6.42 19.76
CA SER A 115 9.69 5.16 19.09
C SER A 115 10.10 5.34 17.62
N PHE A 116 10.33 6.57 17.16
CA PHE A 116 10.62 6.81 15.75
C PHE A 116 12.00 7.43 15.53
N ASP A 117 12.93 7.16 16.44
CA ASP A 117 14.36 7.48 16.26
C ASP A 117 14.52 8.99 16.10
N ASP A 118 15.27 9.47 15.10
CA ASP A 118 15.52 10.90 14.98
C ASP A 118 14.27 11.66 14.56
N TYR A 119 13.36 11.01 13.85
CA TYR A 119 12.17 11.68 13.36
C TYR A 119 11.06 11.79 14.40
N SER A 120 11.34 11.46 15.66
CA SER A 120 10.34 11.64 16.71
C SER A 120 10.05 13.11 16.97
N ASP A 121 10.97 14.00 16.57
CA ASP A 121 10.72 15.44 16.71
C ASP A 121 9.64 15.90 15.74
N ASP A 122 9.46 15.19 14.62
CA ASP A 122 8.46 15.58 13.62
C ASP A 122 7.04 15.20 14.01
N VAL A 123 6.87 14.43 15.07
CA VAL A 123 5.55 14.03 15.53
C VAL A 123 4.95 15.14 16.38
N CYS A 124 3.67 15.45 16.13
CA CYS A 124 2.97 16.47 16.90
C CYS A 124 2.04 15.89 17.96
N GLY A 125 1.36 14.79 17.64
CA GLY A 125 0.43 14.19 18.59
C GLY A 125 -0.34 13.07 17.94
N ALA A 126 -1.38 12.63 18.64
CA ALA A 126 -2.24 11.55 18.17
C ALA A 126 -3.68 11.84 18.54
N VAL A 127 -4.59 11.36 17.70
CA VAL A 127 -6.02 11.58 17.88
C VAL A 127 -6.77 10.29 17.61
N VAL A 128 -7.68 9.93 18.50
CA VAL A 128 -8.61 8.83 18.28
C VAL A 128 -10.03 9.40 18.34
N ASN A 129 -10.79 9.21 17.27
CA ASN A 129 -12.18 9.64 17.19
C ASN A 129 -13.11 8.43 17.26
N VAL A 130 -14.10 8.50 18.15
CA VAL A 130 -15.09 7.45 18.32
C VAL A 130 -16.35 7.88 17.57
N ARG A 131 -16.57 7.29 16.41
CA ARG A 131 -17.73 7.59 15.58
C ARG A 131 -18.56 6.33 15.38
N ALA A 132 -19.85 6.51 15.12
CA ALA A 132 -20.72 5.37 14.88
C ALA A 132 -20.42 4.71 13.54
N LYS A 133 -20.08 5.50 12.52
CA LYS A 133 -19.75 4.97 11.21
C LYS A 133 -18.39 4.29 11.16
N GLY A 134 -17.63 4.31 12.25
CA GLY A 134 -16.30 3.74 12.28
C GLY A 134 -15.30 4.64 12.97
N ASP A 135 -14.44 4.07 13.80
CA ASP A 135 -13.49 4.85 14.58
C ASP A 135 -12.20 5.06 13.80
N LYS A 136 -11.48 6.12 14.18
CA LYS A 136 -10.25 6.53 13.53
C LYS A 136 -9.17 6.76 14.57
N ILE A 137 -7.94 6.40 14.22
CA ILE A 137 -6.76 6.72 15.02
C ILE A 137 -5.71 7.30 14.06
N ALA A 138 -5.12 8.42 14.44
CA ALA A 138 -4.17 9.11 13.58
C ALA A 138 -3.01 9.63 14.40
N ILE A 139 -1.84 9.66 13.78
CA ILE A 139 -0.64 10.25 14.37
C ILE A 139 -0.27 11.45 13.51
N TRP A 140 -0.17 12.62 14.13
CA TRP A 140 0.02 13.86 13.39
C TRP A 140 1.50 14.21 13.30
N THR A 141 1.89 14.76 12.15
CA THR A 141 3.26 15.16 11.90
C THR A 141 3.29 16.65 11.54
N THR A 142 4.49 17.23 11.64
CA THR A 142 4.64 18.68 11.50
C THR A 142 4.80 19.14 10.06
N GLU A 143 5.25 18.28 9.16
CA GLU A 143 5.42 18.69 7.76
C GLU A 143 5.13 17.50 6.86
N CYS A 144 4.26 17.72 5.87
CA CYS A 144 3.88 16.67 4.92
C CYS A 144 4.84 16.51 3.75
N GLU A 145 5.76 17.46 3.55
CA GLU A 145 6.66 17.39 2.40
C GLU A 145 8.00 16.71 2.72
N ASN A 146 8.22 16.30 3.96
CA ASN A 146 9.45 15.57 4.32
C ASN A 146 9.15 14.08 4.18
N ARG A 147 9.44 13.53 3.01
CA ARG A 147 9.07 12.14 2.74
C ARG A 147 9.85 11.18 3.64
N ASP A 148 11.15 11.43 3.84
CA ASP A 148 11.94 10.54 4.69
C ASP A 148 11.42 10.52 6.12
N ALA A 149 10.89 11.64 6.60
CA ALA A 149 10.36 11.68 7.96
C ALA A 149 9.00 10.99 8.03
N VAL A 150 8.11 11.32 7.10
CA VAL A 150 6.74 10.81 7.16
C VAL A 150 6.73 9.30 6.89
N THR A 151 7.51 8.85 5.90
CA THR A 151 7.52 7.42 5.55
C THR A 151 8.05 6.56 6.69
N HIS A 152 9.18 6.96 7.28
CA HIS A 152 9.75 6.17 8.38
C HIS A 152 8.78 6.08 9.55
N ILE A 153 8.05 7.17 9.83
CA ILE A 153 7.08 7.13 10.92
C ILE A 153 5.95 6.15 10.58
N GLY A 154 5.48 6.17 9.34
CA GLY A 154 4.41 5.26 8.95
C GLY A 154 4.85 3.80 8.95
N ARG A 155 6.09 3.53 8.55
CA ARG A 155 6.57 2.16 8.52
C ARG A 155 6.76 1.61 9.93
N VAL A 156 7.32 2.42 10.83
CA VAL A 156 7.46 1.98 12.22
C VAL A 156 6.10 1.84 12.89
N TYR A 157 5.18 2.76 12.58
CA TYR A 157 3.85 2.70 13.16
C TYR A 157 3.10 1.44 12.75
N LYS A 158 3.20 1.08 11.47
CA LYS A 158 2.47 -0.09 10.97
C LYS A 158 3.00 -1.37 11.61
N GLU A 159 4.32 -1.46 11.81
CA GLU A 159 4.91 -2.64 12.41
C GLU A 159 4.55 -2.75 13.90
N ARG A 160 4.51 -1.61 14.60
CA ARG A 160 4.24 -1.65 16.03
C ARG A 160 2.80 -2.04 16.32
N LEU A 161 1.89 -1.80 15.38
CA LEU A 161 0.50 -2.21 15.54
C LEU A 161 0.26 -3.65 15.10
N GLY A 162 1.25 -4.28 14.48
CA GLY A 162 1.09 -5.65 14.04
C GLY A 162 0.28 -5.83 12.78
N LEU A 163 0.13 -4.78 11.98
CA LEU A 163 -0.66 -4.89 10.76
C LEU A 163 0.10 -5.72 9.73
N PRO A 164 -0.55 -6.70 9.11
CA PRO A 164 0.12 -7.51 8.10
C PRO A 164 0.36 -6.72 6.82
N PRO A 165 1.28 -7.14 5.96
CA PRO A 165 1.53 -6.40 4.72
C PRO A 165 0.31 -6.31 3.82
N LYS A 166 -0.68 -7.19 3.99
CA LYS A 166 -1.89 -7.10 3.19
C LYS A 166 -2.64 -5.80 3.46
N ILE A 167 -2.58 -5.30 4.70
CA ILE A 167 -3.22 -4.04 5.04
C ILE A 167 -2.33 -2.88 4.58
N VAL A 168 -2.97 -1.76 4.23
CA VAL A 168 -2.27 -0.58 3.73
C VAL A 168 -2.84 0.64 4.44
N ILE A 169 -1.96 1.54 4.87
CA ILE A 169 -2.35 2.77 5.53
C ILE A 169 -1.86 3.96 4.72
N GLY A 170 -2.63 5.04 4.77
CA GLY A 170 -2.30 6.23 4.00
C GLY A 170 -2.01 7.43 4.86
N TYR A 171 -1.40 8.46 4.26
CA TYR A 171 -1.05 9.69 4.97
C TYR A 171 -1.65 10.85 4.20
N GLN A 172 -2.39 11.71 4.91
CA GLN A 172 -3.09 12.83 4.29
C GLN A 172 -2.63 14.15 4.89
N SER A 173 -2.42 15.13 4.01
CA SER A 173 -2.06 16.46 4.45
C SER A 173 -3.27 17.18 5.04
N HIS A 174 -3.05 18.01 6.06
CA HIS A 174 -4.15 18.78 6.64
C HIS A 174 -4.73 19.78 5.65
N ALA A 175 -3.90 20.33 4.76
CA ALA A 175 -4.41 21.29 3.79
C ALA A 175 -5.34 20.62 2.78
N ASP A 176 -4.99 19.41 2.35
CA ASP A 176 -5.86 18.68 1.43
C ASP A 176 -7.12 18.17 2.15
N THR A 177 -6.96 17.70 3.38
CA THR A 177 -8.07 17.06 4.09
C THR A 177 -9.09 18.07 4.62
N ALA A 178 -8.66 19.28 4.96
CA ALA A 178 -9.58 20.28 5.48
C ALA A 178 -10.40 20.87 4.35
N THR A 179 -11.68 21.13 4.65
CA THR A 179 -12.59 21.71 3.66
C THR A 179 -12.53 23.23 3.69
N LYS A 186 -6.89 13.29 -0.63
CA LYS A 186 -6.31 12.00 -0.99
C LYS A 186 -5.08 11.69 -0.16
N ASN A 187 -4.47 10.53 -0.41
CA ASN A 187 -3.28 10.10 0.31
C ASN A 187 -2.02 10.62 -0.37
N ARG A 188 -1.16 11.28 0.40
CA ARG A 188 0.12 11.73 -0.13
C ARG A 188 1.18 10.65 -0.04
N PHE A 189 1.12 9.81 1.00
CA PHE A 189 2.04 8.69 1.16
C PHE A 189 1.24 7.44 1.50
N VAL A 190 1.78 6.28 1.11
CA VAL A 190 1.14 5.00 1.39
C VAL A 190 2.21 4.03 1.86
N VAL A 191 1.91 3.27 2.90
CA VAL A 191 2.86 2.33 3.48
C VAL A 191 2.17 1.00 3.77
N PRO B 5 42.76 -0.25 -25.82
CA PRO B 5 41.68 -1.23 -25.64
C PRO B 5 40.31 -0.61 -25.88
N GLU B 6 40.05 0.51 -25.19
CA GLU B 6 38.82 1.29 -25.31
C GLU B 6 38.26 1.35 -26.72
N HIS B 7 39.14 1.38 -27.74
CA HIS B 7 38.70 1.65 -29.10
C HIS B 7 37.85 0.51 -29.66
N TYR B 8 38.19 -0.73 -29.35
CA TYR B 8 37.65 -1.87 -30.10
C TYR B 8 36.97 -2.96 -29.28
N ILE B 9 36.82 -2.80 -27.98
CA ILE B 9 36.23 -3.84 -27.15
C ILE B 9 34.80 -3.50 -26.77
N LYS B 10 33.91 -4.50 -26.93
CA LYS B 10 32.55 -4.37 -26.43
C LYS B 10 32.60 -4.35 -24.90
N HIS B 11 31.74 -3.53 -24.28
CA HIS B 11 31.69 -3.51 -22.83
C HIS B 11 30.96 -4.74 -22.32
N PRO B 12 31.63 -5.64 -21.62
CA PRO B 12 30.96 -6.84 -21.13
C PRO B 12 30.08 -6.56 -19.93
N LEU B 13 28.95 -7.26 -19.86
CA LEU B 13 28.05 -7.16 -18.73
C LEU B 13 28.50 -8.10 -17.61
N GLN B 14 27.97 -7.87 -16.42
CA GLN B 14 28.31 -8.69 -15.26
C GLN B 14 27.80 -10.12 -15.39
N ASN B 15 26.78 -10.35 -16.21
CA ASN B 15 26.24 -11.68 -16.42
C ASN B 15 25.91 -11.89 -17.89
N ARG B 16 25.79 -13.16 -18.25
CA ARG B 16 25.25 -13.56 -19.55
C ARG B 16 23.74 -13.68 -19.39
N TRP B 17 22.99 -13.02 -20.27
CA TRP B 17 21.54 -13.01 -20.16
C TRP B 17 20.93 -13.78 -21.33
N ALA B 18 19.75 -14.34 -21.09
CA ALA B 18 19.02 -15.09 -22.11
C ALA B 18 17.61 -14.53 -22.19
N LEU B 19 17.18 -14.21 -23.40
CA LEU B 19 15.86 -13.63 -23.63
C LEU B 19 14.94 -14.69 -24.23
N TRP B 20 13.76 -14.85 -23.62
CA TRP B 20 12.81 -15.88 -24.02
C TRP B 20 11.55 -15.24 -24.59
N PHE B 21 10.88 -16.00 -25.44
CA PHE B 21 9.60 -15.62 -26.01
C PHE B 21 8.57 -16.70 -25.73
N PHE B 22 7.34 -16.28 -25.45
CA PHE B 22 6.23 -17.19 -25.23
C PHE B 22 5.09 -16.79 -26.15
N LYS B 23 4.51 -17.77 -26.82
CA LYS B 23 3.37 -17.55 -27.71
C LYS B 23 2.29 -18.54 -27.33
N ASN B 24 1.14 -18.02 -26.89
CA ASN B 24 0.03 -18.90 -26.52
C ASN B 24 -0.44 -19.68 -27.73
N ASP B 25 -0.33 -21.00 -27.65
CA ASP B 25 -0.80 -21.89 -28.71
C ASP B 25 -1.44 -23.09 -28.03
N LYS B 26 -2.75 -23.26 -28.24
CA LYS B 26 -3.48 -24.33 -27.57
C LYS B 26 -3.01 -25.71 -28.00
N SER B 27 -2.39 -25.83 -29.18
CA SER B 27 -1.91 -27.12 -29.65
C SER B 27 -0.78 -27.67 -28.78
N LYS B 28 -0.03 -26.80 -28.10
CA LYS B 28 1.15 -27.21 -27.35
C LYS B 28 0.96 -27.03 -25.86
N THR B 29 1.82 -27.71 -25.09
CA THR B 29 1.86 -27.50 -23.66
C THR B 29 2.50 -26.14 -23.37
N TRP B 30 2.45 -25.72 -22.10
CA TRP B 30 2.97 -24.41 -21.75
C TRP B 30 4.47 -24.31 -21.95
N GLN B 31 5.22 -25.29 -21.46
CA GLN B 31 6.68 -25.25 -21.62
C GLN B 31 7.08 -25.33 -23.08
N ALA B 32 6.30 -26.05 -23.90
CA ALA B 32 6.62 -26.17 -25.31
C ALA B 32 6.47 -24.84 -26.04
N ASN B 33 5.65 -23.92 -25.53
CA ASN B 33 5.48 -22.62 -26.13
C ASN B 33 6.57 -21.64 -25.72
N LEU B 34 7.46 -22.03 -24.80
CA LEU B 34 8.59 -21.19 -24.44
C LEU B 34 9.70 -21.35 -25.47
N ARG B 35 10.19 -20.22 -25.98
CA ARG B 35 11.17 -20.21 -27.05
C ARG B 35 12.30 -19.28 -26.64
N LEU B 36 13.51 -19.82 -26.57
CA LEU B 36 14.69 -19.01 -26.28
C LEU B 36 15.09 -18.27 -27.55
N ILE B 37 15.14 -16.94 -27.47
CA ILE B 37 15.45 -16.12 -28.64
C ILE B 37 16.96 -16.08 -28.86
N SER B 38 17.68 -15.46 -27.92
CA SER B 38 19.11 -15.27 -28.08
C SER B 38 19.72 -14.97 -26.73
N LYS B 39 21.05 -15.07 -26.66
CA LYS B 39 21.80 -14.72 -25.48
C LYS B 39 22.83 -13.65 -25.83
N PHE B 40 23.30 -12.96 -24.79
CA PHE B 40 24.25 -11.87 -24.97
C PHE B 40 24.96 -11.61 -23.65
N ASP B 41 26.15 -11.01 -23.75
CA ASP B 41 26.91 -10.67 -22.55
C ASP B 41 27.63 -9.33 -22.67
N THR B 42 27.37 -8.56 -23.73
CA THR B 42 27.94 -7.24 -23.90
C THR B 42 26.83 -6.22 -24.11
N VAL B 43 27.16 -4.95 -23.88
CA VAL B 43 26.20 -3.87 -24.07
C VAL B 43 25.76 -3.77 -25.53
N GLU B 44 26.72 -3.83 -26.44
CA GLU B 44 26.40 -3.65 -27.86
C GLU B 44 25.54 -4.79 -28.39
N ASP B 45 25.74 -6.01 -27.89
CA ASP B 45 24.92 -7.13 -28.32
C ASP B 45 23.52 -7.09 -27.72
N PHE B 46 23.33 -6.39 -26.60
CA PHE B 46 21.99 -6.24 -26.04
C PHE B 46 21.14 -5.31 -26.91
N TRP B 47 21.69 -4.14 -27.26
CA TRP B 47 20.96 -3.19 -28.09
C TRP B 47 20.73 -3.74 -29.49
N ALA B 48 21.67 -4.54 -30.01
CA ALA B 48 21.46 -5.18 -31.30
C ALA B 48 20.25 -6.11 -31.25
N LEU B 49 20.01 -6.74 -30.10
CA LEU B 49 18.86 -7.62 -29.95
C LEU B 49 17.59 -6.84 -29.65
N TYR B 50 17.70 -5.77 -28.84
CA TYR B 50 16.50 -5.00 -28.50
C TYR B 50 15.96 -4.26 -29.71
N ASN B 51 16.83 -3.67 -30.52
CA ASN B 51 16.42 -2.92 -31.71
C ASN B 51 15.99 -3.83 -32.85
N HIS B 52 16.08 -5.15 -32.67
CA HIS B 52 15.71 -6.13 -33.69
C HIS B 52 14.41 -6.85 -33.38
N ILE B 53 13.95 -6.83 -32.14
CA ILE B 53 12.74 -7.52 -31.76
C ILE B 53 11.61 -6.51 -31.60
N GLN B 54 10.38 -7.01 -31.67
CA GLN B 54 9.23 -6.14 -31.51
C GLN B 54 9.10 -5.68 -30.07
N LEU B 55 8.55 -4.49 -29.89
CA LEU B 55 8.21 -4.06 -28.55
C LEU B 55 6.93 -4.75 -28.08
N SER B 56 6.80 -4.89 -26.77
CA SER B 56 5.69 -5.67 -26.23
C SER B 56 4.34 -5.00 -26.44
N SER B 57 4.31 -3.70 -26.74
CA SER B 57 3.05 -3.07 -27.11
C SER B 57 2.48 -3.65 -28.41
N ASN B 58 3.36 -4.08 -29.32
CA ASN B 58 2.93 -4.66 -30.60
C ASN B 58 2.77 -6.17 -30.53
N LEU B 59 3.04 -6.79 -29.38
CA LEU B 59 2.85 -8.22 -29.25
C LEU B 59 1.37 -8.56 -29.16
N MET B 60 1.01 -9.71 -29.72
CA MET B 60 -0.35 -10.18 -29.65
C MET B 60 -0.69 -10.54 -28.21
N PRO B 61 -1.90 -10.23 -27.73
CA PRO B 61 -2.28 -10.61 -26.36
C PRO B 61 -2.11 -12.11 -26.14
N GLY B 62 -1.48 -12.45 -25.03
CA GLY B 62 -1.13 -13.83 -24.73
C GLY B 62 0.33 -14.16 -24.94
N CYS B 63 1.16 -13.21 -25.34
CA CYS B 63 2.57 -13.44 -25.56
C CYS B 63 3.38 -12.84 -24.42
N ASP B 64 4.55 -13.43 -24.18
CA ASP B 64 5.39 -13.04 -23.05
C ASP B 64 6.82 -12.80 -23.53
N TYR B 65 7.50 -11.88 -22.86
CA TYR B 65 8.94 -11.70 -22.98
C TYR B 65 9.59 -12.03 -21.64
N SER B 66 10.71 -12.76 -21.70
CA SER B 66 11.41 -13.18 -20.49
C SER B 66 12.90 -12.94 -20.69
N LEU B 67 13.54 -12.31 -19.70
CA LEU B 67 14.99 -12.18 -19.69
C LEU B 67 15.49 -12.69 -18.35
N PHE B 68 16.35 -13.70 -18.39
CA PHE B 68 16.86 -14.35 -17.19
C PHE B 68 18.35 -14.57 -17.31
N LYS B 69 19.02 -14.66 -16.15
CA LYS B 69 20.43 -15.00 -16.15
C LYS B 69 20.65 -16.37 -16.77
N ASP B 70 21.72 -16.50 -17.56
CA ASP B 70 22.02 -17.77 -18.20
C ASP B 70 22.25 -18.85 -17.15
N GLY B 71 21.52 -19.96 -17.28
CA GLY B 71 21.53 -21.03 -16.32
C GLY B 71 20.26 -21.12 -15.49
N ILE B 72 19.49 -20.04 -15.40
CA ILE B 72 18.21 -20.04 -14.72
C ILE B 72 17.10 -20.03 -15.77
N GLU B 73 16.14 -20.90 -15.60
CA GLU B 73 15.09 -21.03 -16.59
C GLU B 73 13.89 -20.18 -16.20
N PRO B 74 13.16 -19.63 -17.16
CA PRO B 74 12.00 -18.79 -16.81
C PRO B 74 10.83 -19.60 -16.28
N MET B 75 11.02 -20.26 -15.14
CA MET B 75 9.98 -21.07 -14.51
C MET B 75 10.18 -21.00 -13.01
N TRP B 76 9.14 -21.36 -12.25
CA TRP B 76 9.34 -21.44 -10.82
CA TRP B 76 9.26 -21.48 -10.80
C TRP B 76 9.85 -22.80 -10.36
N GLU B 77 9.77 -23.84 -11.19
CA GLU B 77 10.35 -25.13 -10.82
C GLU B 77 11.88 -25.08 -10.79
N ASP B 78 12.48 -24.07 -11.41
CA ASP B 78 13.94 -23.97 -11.41
C ASP B 78 14.44 -23.81 -9.98
N GLU B 79 15.63 -24.37 -9.72
CA GLU B 79 16.16 -24.40 -8.36
C GLU B 79 16.31 -23.00 -7.78
N LYS B 80 16.61 -22.01 -8.60
CA LYS B 80 16.78 -20.65 -8.15
C LYS B 80 15.48 -19.85 -8.15
N ASN B 81 14.34 -20.51 -8.40
CA ASN B 81 13.04 -19.85 -8.37
C ASN B 81 12.01 -20.52 -7.48
N LYS B 82 12.29 -21.73 -6.98
CA LYS B 82 11.29 -22.46 -6.21
C LYS B 82 10.99 -21.76 -4.88
N ARG B 83 12.01 -21.18 -4.25
CA ARG B 83 11.86 -20.55 -2.95
C ARG B 83 11.89 -19.03 -3.03
N GLY B 84 11.65 -18.48 -4.22
CA GLY B 84 11.70 -17.06 -4.46
C GLY B 84 10.34 -16.45 -4.70
N GLY B 85 10.35 -15.28 -5.32
CA GLY B 85 9.11 -14.59 -5.61
C GLY B 85 9.32 -13.49 -6.63
N ARG B 86 8.26 -12.69 -6.81
CA ARG B 86 8.20 -11.69 -7.86
C ARG B 86 7.69 -10.36 -7.30
N TRP B 87 8.27 -9.26 -7.76
CA TRP B 87 7.69 -7.93 -7.55
C TRP B 87 6.73 -7.66 -8.71
N LEU B 88 5.44 -7.62 -8.42
CA LEU B 88 4.41 -7.59 -9.45
C LEU B 88 3.97 -6.15 -9.70
N ILE B 89 3.87 -5.79 -10.97
CA ILE B 89 3.42 -4.47 -11.38
C ILE B 89 2.21 -4.68 -12.29
N THR B 90 1.05 -4.21 -11.85
CA THR B 90 -0.19 -4.39 -12.61
C THR B 90 -0.49 -3.12 -13.40
N LEU B 91 -0.89 -3.31 -14.66
CA LEU B 91 -1.09 -2.21 -15.60
C LEU B 91 -2.44 -2.36 -16.27
N ASN B 92 -3.17 -1.24 -16.40
CA ASN B 92 -4.46 -1.27 -17.06
C ASN B 92 -4.28 -1.09 -18.57
N LYS B 93 -5.38 -1.14 -19.32
CA LYS B 93 -5.29 -1.10 -20.77
C LYS B 93 -4.75 0.25 -21.28
N GLN B 94 -4.98 1.33 -20.53
CA GLN B 94 -4.48 2.63 -20.97
CA GLN B 94 -4.48 2.63 -20.97
C GLN B 94 -2.95 2.72 -20.85
N GLN B 95 -2.38 2.03 -19.86
CA GLN B 95 -0.93 2.11 -19.66
C GLN B 95 -0.14 1.34 -20.71
N ARG B 96 -0.78 0.40 -21.42
CA ARG B 96 -0.08 -0.26 -22.53
C ARG B 96 0.42 0.75 -23.55
N ARG B 97 -0.37 1.79 -23.82
CA ARG B 97 0.06 2.82 -24.76
C ARG B 97 1.08 3.77 -24.14
N SER B 98 0.93 4.10 -22.86
CA SER B 98 1.69 5.17 -22.24
C SER B 98 2.94 4.71 -21.50
N ASP B 99 2.89 3.57 -20.82
CA ASP B 99 3.96 3.20 -19.89
C ASP B 99 4.59 1.83 -20.13
N LEU B 100 3.97 0.96 -20.95
CA LEU B 100 4.41 -0.44 -20.99
C LEU B 100 5.79 -0.58 -21.60
N ASP B 101 6.09 0.15 -22.68
CA ASP B 101 7.39 0.00 -23.32
C ASP B 101 8.51 0.64 -22.49
N ARG B 102 8.25 1.82 -21.94
CA ARG B 102 9.29 2.45 -21.12
C ARG B 102 9.54 1.69 -19.83
N PHE B 103 8.50 1.09 -19.25
CA PHE B 103 8.69 0.30 -18.03
C PHE B 103 9.49 -0.96 -18.32
N TRP B 104 9.24 -1.62 -19.45
CA TRP B 104 9.93 -2.87 -19.74
C TRP B 104 11.41 -2.62 -20.05
N LEU B 105 11.71 -1.55 -20.79
CA LEU B 105 13.11 -1.25 -21.09
C LEU B 105 13.84 -0.83 -19.82
N GLU B 106 13.19 -0.02 -18.98
CA GLU B 106 13.77 0.34 -17.70
C GLU B 106 13.96 -0.90 -16.83
N THR B 107 13.02 -1.84 -16.89
CA THR B 107 13.19 -3.11 -16.20
C THR B 107 14.42 -3.85 -16.71
N LEU B 108 14.55 -3.98 -18.03
CA LEU B 108 15.71 -4.64 -18.62
C LEU B 108 17.01 -3.98 -18.18
N LEU B 109 17.02 -2.65 -18.10
CA LEU B 109 18.23 -1.94 -17.73
C LEU B 109 18.60 -2.16 -16.27
N CYS B 110 17.62 -2.32 -15.38
CA CYS B 110 17.93 -2.56 -13.98
C CYS B 110 18.59 -3.91 -13.75
N LEU B 111 18.41 -4.88 -14.65
CA LEU B 111 19.04 -6.19 -14.51
C LEU B 111 20.44 -6.21 -15.13
N ILE B 112 20.54 -5.91 -16.43
CA ILE B 112 21.83 -5.94 -17.08
C ILE B 112 22.76 -4.85 -16.55
N GLY B 113 22.21 -3.81 -15.92
CA GLY B 113 23.02 -2.78 -15.29
C GLY B 113 23.33 -3.02 -13.83
N GLU B 114 22.75 -4.06 -13.24
CA GLU B 114 22.93 -4.41 -11.82
C GLU B 114 22.67 -3.18 -10.93
N SER B 115 21.45 -2.69 -11.03
CA SER B 115 21.04 -1.45 -10.37
C SER B 115 20.64 -1.63 -8.91
N PHE B 116 20.85 -2.81 -8.33
CA PHE B 116 20.39 -3.10 -6.97
C PHE B 116 21.54 -3.42 -6.02
N ASP B 117 22.71 -2.86 -6.29
CA ASP B 117 23.86 -2.85 -5.37
C ASP B 117 24.29 -4.30 -5.11
N ASP B 118 24.53 -4.70 -3.86
CA ASP B 118 25.01 -6.04 -3.57
C ASP B 118 23.97 -7.10 -3.83
N TYR B 119 22.69 -6.77 -3.72
CA TYR B 119 21.63 -7.75 -3.86
C TYR B 119 21.24 -8.05 -5.30
N SER B 120 22.04 -7.60 -6.27
CA SER B 120 21.77 -7.95 -7.66
C SER B 120 21.96 -9.43 -7.93
N ASP B 121 22.70 -10.14 -7.07
CA ASP B 121 22.85 -11.58 -7.23
C ASP B 121 21.54 -12.31 -6.93
N ASP B 122 20.69 -11.73 -6.10
CA ASP B 122 19.43 -12.36 -5.74
C ASP B 122 18.36 -12.19 -6.83
N VAL B 123 18.62 -11.37 -7.84
CA VAL B 123 17.69 -11.20 -8.94
C VAL B 123 17.88 -12.34 -9.91
N CYS B 124 16.77 -12.94 -10.35
CA CYS B 124 16.82 -14.04 -11.30
C CYS B 124 16.47 -13.63 -12.72
N GLY B 125 15.52 -12.73 -12.89
CA GLY B 125 15.13 -12.29 -14.22
C GLY B 125 13.91 -11.41 -14.15
N ALA B 126 13.34 -11.16 -15.33
CA ALA B 126 12.16 -10.31 -15.46
C ALA B 126 11.24 -10.89 -16.52
N VAL B 127 9.94 -10.69 -16.32
CA VAL B 127 8.91 -11.21 -17.23
C VAL B 127 7.87 -10.12 -17.45
N VAL B 128 7.49 -9.90 -18.71
CA VAL B 128 6.37 -9.05 -19.07
C VAL B 128 5.34 -9.91 -19.79
N ASN B 129 4.11 -9.92 -19.28
CA ASN B 129 3.01 -10.66 -19.88
C ASN B 129 2.08 -9.68 -20.59
N VAL B 130 1.77 -9.97 -21.84
CA VAL B 130 0.86 -9.16 -22.64
C VAL B 130 -0.49 -9.87 -22.64
N ARG B 131 -1.41 -9.36 -21.83
CA ARG B 131 -2.74 -9.93 -21.69
C ARG B 131 -3.80 -8.89 -22.04
N ALA B 132 -4.97 -9.38 -22.47
CA ALA B 132 -6.07 -8.49 -22.78
C ALA B 132 -6.65 -7.85 -21.52
N LYS B 133 -6.73 -8.62 -20.43
CA LYS B 133 -7.26 -8.12 -19.17
C LYS B 133 -6.32 -7.16 -18.47
N GLY B 134 -5.12 -6.93 -19.00
CA GLY B 134 -4.14 -6.07 -18.35
C GLY B 134 -2.76 -6.70 -18.35
N ASP B 135 -1.74 -5.90 -18.61
CA ASP B 135 -0.39 -6.40 -18.72
C ASP B 135 0.30 -6.39 -17.36
N LYS B 136 1.31 -7.24 -17.22
CA LYS B 136 2.08 -7.37 -15.99
C LYS B 136 3.56 -7.28 -16.31
N ILE B 137 4.31 -6.68 -15.38
CA ILE B 137 5.76 -6.70 -15.40
C ILE B 137 6.23 -7.11 -14.02
N ALA B 138 7.16 -8.07 -13.98
CA ALA B 138 7.61 -8.62 -12.71
C ALA B 138 9.11 -8.87 -12.77
N ILE B 139 9.76 -8.70 -11.61
CA ILE B 139 11.17 -9.01 -11.42
C ILE B 139 11.26 -10.14 -10.41
N TRP B 140 11.92 -11.23 -10.80
CA TRP B 140 11.95 -12.44 -10.00
C TRP B 140 13.18 -12.46 -9.10
N THR B 141 13.02 -13.00 -7.89
CA THR B 141 14.09 -13.09 -6.91
C THR B 141 14.28 -14.54 -6.50
N THR B 142 15.43 -14.83 -5.91
CA THR B 142 15.78 -16.21 -5.58
C THR B 142 15.21 -16.67 -4.24
N GLU B 143 14.92 -15.76 -3.32
CA GLU B 143 14.39 -16.13 -2.01
C GLU B 143 13.43 -15.05 -1.53
N CYS B 144 12.22 -15.47 -1.14
CA CYS B 144 11.21 -14.57 -0.63
C CYS B 144 11.35 -14.29 0.87
N GLU B 145 12.18 -15.06 1.57
CA GLU B 145 12.36 -14.89 3.01
C GLU B 145 13.54 -13.99 3.36
N ASN B 146 14.28 -13.50 2.37
CA ASN B 146 15.38 -12.56 2.61
C ASN B 146 14.78 -11.16 2.52
N ARG B 147 14.34 -10.64 3.67
CA ARG B 147 13.61 -9.38 3.69
C ARG B 147 14.48 -8.22 3.24
N ASP B 148 15.73 -8.17 3.70
CA ASP B 148 16.62 -7.08 3.32
C ASP B 148 16.87 -7.04 1.82
N ALA B 149 16.91 -8.21 1.17
CA ALA B 149 17.16 -8.26 -0.27
C ALA B 149 15.93 -7.85 -1.06
N VAL B 150 14.78 -8.42 -0.73
CA VAL B 150 13.57 -8.16 -1.50
C VAL B 150 13.11 -6.72 -1.32
N THR B 151 13.21 -6.21 -0.10
CA THR B 151 12.77 -4.85 0.18
C THR B 151 13.61 -3.82 -0.57
N HIS B 152 14.93 -3.97 -0.51
CA HIS B 152 15.82 -3.03 -1.20
C HIS B 152 15.57 -3.05 -2.71
N ILE B 153 15.30 -4.21 -3.27
CA ILE B 153 15.02 -4.31 -4.70
C ILE B 153 13.72 -3.58 -5.03
N GLY B 154 12.70 -3.74 -4.20
CA GLY B 154 11.42 -3.08 -4.46
C GLY B 154 11.50 -1.57 -4.38
N ARG B 155 12.29 -1.05 -3.44
CA ARG B 155 12.40 0.39 -3.30
C ARG B 155 13.16 1.01 -4.47
N VAL B 156 14.26 0.37 -4.89
CA VAL B 156 15.00 0.89 -6.03
C VAL B 156 14.20 0.72 -7.32
N TYR B 157 13.49 -0.41 -7.45
CA TYR B 157 12.71 -0.65 -8.65
C TYR B 157 11.60 0.39 -8.84
N LYS B 158 10.88 0.71 -7.77
CA LYS B 158 9.78 1.67 -7.88
C LYS B 158 10.29 3.06 -8.24
N GLU B 159 11.43 3.46 -7.67
CA GLU B 159 11.97 4.79 -7.95
C GLU B 159 12.46 4.90 -9.39
N ARG B 160 13.06 3.83 -9.90
CA ARG B 160 13.59 3.86 -11.26
C ARG B 160 12.47 3.92 -12.30
N LEU B 161 11.28 3.42 -11.95
CA LEU B 161 10.13 3.47 -12.84
C LEU B 161 9.34 4.77 -12.72
N GLY B 162 9.65 5.61 -11.73
CA GLY B 162 8.93 6.86 -11.57
C GLY B 162 7.56 6.74 -10.97
N LEU B 163 7.27 5.66 -10.25
CA LEU B 163 5.97 5.50 -9.63
C LEU B 163 5.83 6.48 -8.46
N PRO B 164 4.71 7.19 -8.35
CA PRO B 164 4.55 8.17 -7.28
C PRO B 164 4.40 7.49 -5.93
N PRO B 165 4.68 8.19 -4.82
CA PRO B 165 4.52 7.58 -3.49
C PRO B 165 3.09 7.18 -3.17
N LYS B 166 2.09 7.77 -3.85
CA LYS B 166 0.72 7.37 -3.62
C LYS B 166 0.47 5.94 -4.06
N ILE B 167 1.12 5.50 -5.14
CA ILE B 167 0.99 4.13 -5.63
C ILE B 167 1.87 3.21 -4.80
N VAL B 168 1.44 1.95 -4.68
CA VAL B 168 2.14 0.95 -3.89
C VAL B 168 2.19 -0.35 -4.69
N ILE B 169 3.34 -1.01 -4.66
CA ILE B 169 3.52 -2.28 -5.37
C ILE B 169 3.87 -3.36 -4.34
N GLY B 170 3.45 -4.59 -4.63
CA GLY B 170 3.64 -5.71 -3.74
C GLY B 170 4.52 -6.80 -4.32
N TYR B 171 4.97 -7.69 -3.44
CA TYR B 171 5.83 -8.82 -3.76
C TYR B 171 5.17 -10.11 -3.28
N GLN B 172 5.03 -11.08 -4.18
CA GLN B 172 4.37 -12.34 -3.89
C GLN B 172 5.31 -13.50 -4.17
N SER B 173 5.27 -14.50 -3.28
CA SER B 173 6.08 -15.71 -3.46
C SER B 173 5.51 -16.57 -4.60
N HIS B 174 6.42 -17.23 -5.31
CA HIS B 174 6.00 -18.13 -6.38
C HIS B 174 5.18 -19.31 -5.84
N ALA B 175 5.46 -19.73 -4.61
CA ALA B 175 4.70 -20.84 -4.03
C ALA B 175 3.25 -20.45 -3.81
N ASP B 176 3.00 -19.20 -3.39
CA ASP B 176 1.62 -18.75 -3.22
C ASP B 176 0.92 -18.59 -4.56
N THR B 177 1.68 -18.33 -5.62
CA THR B 177 1.07 -18.14 -6.94
C THR B 177 0.57 -19.47 -7.51
N ALA B 178 1.33 -20.54 -7.33
CA ALA B 178 0.97 -21.86 -7.88
C ALA B 178 -0.05 -22.53 -6.95
N THR B 179 -1.31 -22.14 -7.13
CA THR B 179 -2.40 -22.71 -6.35
C THR B 179 -3.74 -22.51 -7.07
N GLY B 182 -9.62 -21.28 -0.33
CA GLY B 182 -9.65 -21.09 1.12
C GLY B 182 -8.83 -19.90 1.58
N SER B 183 -7.74 -19.61 0.86
CA SER B 183 -6.86 -18.50 1.19
C SER B 183 -6.62 -17.65 -0.04
N THR B 184 -6.45 -16.35 0.19
CA THR B 184 -6.19 -15.40 -0.89
C THR B 184 -4.70 -15.19 -1.07
N THR B 185 -4.29 -14.99 -2.33
CA THR B 185 -2.89 -14.75 -2.66
C THR B 185 -2.53 -13.35 -2.21
N LYS B 186 -1.92 -13.25 -1.03
CA LYS B 186 -1.61 -11.97 -0.42
C LYS B 186 -0.16 -11.57 -0.70
N ASN B 187 0.15 -10.31 -0.40
CA ASN B 187 1.48 -9.76 -0.60
C ASN B 187 2.31 -10.03 0.65
N ARG B 188 3.52 -10.59 0.45
CA ARG B 188 4.40 -10.80 1.58
C ARG B 188 5.17 -9.53 1.94
N PHE B 189 5.50 -8.73 0.93
CA PHE B 189 6.11 -7.42 1.15
C PHE B 189 5.39 -6.41 0.28
N VAL B 190 5.34 -5.17 0.75
CA VAL B 190 4.66 -4.08 0.04
C VAL B 190 5.57 -2.87 0.09
N VAL B 191 5.71 -2.19 -1.04
CA VAL B 191 6.60 -1.03 -1.10
C VAL B 191 5.97 0.14 -1.85
N GLU C 6 9.67 -15.10 -36.43
CA GLU C 6 8.70 -14.34 -37.21
C GLU C 6 7.72 -13.60 -36.29
N HIS C 7 7.34 -14.27 -35.20
CA HIS C 7 6.31 -13.74 -34.32
C HIS C 7 6.77 -12.48 -33.59
N TYR C 8 8.06 -12.39 -33.28
CA TYR C 8 8.57 -11.39 -32.35
C TYR C 8 9.63 -10.48 -32.96
N ILE C 9 9.93 -10.62 -34.25
CA ILE C 9 10.94 -9.81 -34.93
C ILE C 9 10.22 -8.78 -35.81
N LYS C 10 10.73 -7.56 -35.80
CA LYS C 10 10.24 -6.54 -36.72
C LYS C 10 10.60 -6.91 -38.16
N HIS C 11 9.71 -6.54 -39.08
CA HIS C 11 9.88 -6.80 -40.50
C HIS C 11 10.88 -5.80 -41.06
N PRO C 12 12.10 -6.23 -41.41
CA PRO C 12 13.11 -5.28 -41.86
C PRO C 12 12.85 -4.82 -43.28
N LEU C 13 13.16 -3.56 -43.54
CA LEU C 13 13.08 -3.00 -44.88
C LEU C 13 14.37 -3.29 -45.64
N GLN C 14 14.29 -3.17 -46.96
CA GLN C 14 15.47 -3.37 -47.79
C GLN C 14 16.49 -2.26 -47.59
N ASN C 15 16.07 -1.10 -47.09
CA ASN C 15 16.97 0.02 -46.87
C ASN C 15 16.62 0.73 -45.56
N ARG C 16 17.61 1.48 -45.05
CA ARG C 16 17.40 2.42 -43.96
C ARG C 16 17.04 3.77 -44.55
N TRP C 17 15.94 4.35 -44.06
CA TRP C 17 15.47 5.62 -44.56
C TRP C 17 15.58 6.69 -43.49
N ALA C 18 15.72 7.94 -43.92
CA ALA C 18 15.80 9.09 -43.03
C ALA C 18 14.77 10.11 -43.47
N LEU C 19 13.95 10.57 -42.54
CA LEU C 19 12.90 11.53 -42.84
C LEU C 19 13.32 12.90 -42.30
N TRP C 20 13.23 13.91 -43.16
CA TRP C 20 13.68 15.26 -42.86
C TRP C 20 12.48 16.21 -42.79
N PHE C 21 12.66 17.29 -42.03
CA PHE C 21 11.68 18.36 -41.96
C PHE C 21 12.36 19.68 -42.28
N PHE C 22 11.63 20.54 -42.99
CA PHE C 22 12.10 21.89 -43.32
C PHE C 22 11.03 22.88 -42.86
N LYS C 23 11.46 23.95 -42.21
CA LYS C 23 10.55 25.00 -41.73
C LYS C 23 11.06 26.34 -42.23
N ASN C 24 10.25 27.01 -43.05
CA ASN C 24 10.63 28.31 -43.58
C ASN C 24 10.79 29.31 -42.46
N ASP C 25 12.01 29.84 -42.32
CA ASP C 25 12.31 30.87 -41.34
C ASP C 25 13.26 31.87 -41.99
N LYS C 26 12.80 33.10 -42.20
CA LYS C 26 13.64 34.10 -42.83
C LYS C 26 14.83 34.49 -41.96
N SER C 27 14.70 34.31 -40.65
CA SER C 27 15.81 34.63 -39.74
C SER C 27 17.01 33.71 -39.95
N LYS C 28 16.77 32.50 -40.45
CA LYS C 28 17.82 31.50 -40.62
C LYS C 28 18.05 31.23 -42.10
N THR C 29 19.22 30.67 -42.39
CA THR C 29 19.53 30.24 -43.75
C THR C 29 18.76 28.97 -44.11
N TRP C 30 18.81 28.61 -45.39
CA TRP C 30 18.07 27.45 -45.87
C TRP C 30 18.60 26.16 -45.28
N GLN C 31 19.93 25.98 -45.32
CA GLN C 31 20.52 24.76 -44.78
C GLN C 31 20.29 24.64 -43.28
N ALA C 32 20.26 25.76 -42.56
CA ALA C 32 20.01 25.73 -41.13
C ALA C 32 18.57 25.32 -40.82
N ASN C 33 17.64 25.52 -41.74
CA ASN C 33 16.25 25.15 -41.55
C ASN C 33 15.99 23.68 -41.86
N LEU C 34 16.97 22.95 -42.38
CA LEU C 34 16.81 21.53 -42.61
C LEU C 34 17.07 20.76 -41.33
N ARG C 35 16.13 19.90 -40.95
CA ARG C 35 16.21 19.19 -39.67
C ARG C 35 15.92 17.70 -39.88
N LEU C 36 16.85 16.86 -39.45
CA LEU C 36 16.65 15.41 -39.48
C LEU C 36 15.75 15.00 -38.31
N ILE C 37 14.65 14.33 -38.60
CA ILE C 37 13.71 13.91 -37.57
C ILE C 37 14.21 12.60 -36.95
N SER C 38 14.19 11.52 -37.73
CA SER C 38 14.55 10.20 -37.23
C SER C 38 14.83 9.29 -38.42
N LYS C 39 15.42 8.14 -38.12
CA LYS C 39 15.70 7.11 -39.11
C LYS C 39 15.01 5.81 -38.71
N PHE C 40 14.85 4.91 -39.68
CA PHE C 40 14.15 3.66 -39.45
C PHE C 40 14.57 2.65 -40.51
N ASP C 41 14.39 1.36 -40.19
CA ASP C 41 14.69 0.31 -41.15
C ASP C 41 13.69 -0.84 -41.11
N THR C 42 12.61 -0.72 -40.34
CA THR C 42 11.59 -1.75 -40.27
C THR C 42 10.22 -1.17 -40.59
N VAL C 43 9.28 -2.06 -40.91
CA VAL C 43 7.89 -1.67 -41.15
C VAL C 43 7.29 -1.08 -39.88
N GLU C 44 7.52 -1.73 -38.74
CA GLU C 44 6.89 -1.31 -37.49
C GLU C 44 7.39 0.06 -37.04
N ASP C 45 8.66 0.37 -37.28
CA ASP C 45 9.19 1.68 -36.91
C ASP C 45 8.74 2.77 -37.86
N PHE C 46 8.36 2.43 -39.08
CA PHE C 46 7.84 3.44 -40.01
C PHE C 46 6.46 3.92 -39.57
N TRP C 47 5.56 2.99 -39.26
CA TRP C 47 4.23 3.37 -38.82
C TRP C 47 4.25 4.08 -37.48
N ALA C 48 5.17 3.68 -36.59
CA ALA C 48 5.29 4.39 -35.31
C ALA C 48 5.70 5.84 -35.51
N LEU C 49 6.53 6.10 -36.53
CA LEU C 49 6.94 7.48 -36.80
C LEU C 49 5.89 8.21 -37.63
N TYR C 50 5.24 7.50 -38.55
CA TYR C 50 4.21 8.12 -39.39
C TYR C 50 2.98 8.53 -38.58
N ASN C 51 2.55 7.68 -37.65
CA ASN C 51 1.35 7.96 -36.87
C ASN C 51 1.54 9.02 -35.79
N HIS C 52 2.76 9.51 -35.58
CA HIS C 52 3.00 10.51 -34.55
C HIS C 52 3.32 11.89 -35.10
N ILE C 53 3.62 12.01 -36.39
CA ILE C 53 3.95 13.28 -37.00
C ILE C 53 2.73 13.79 -37.75
N GLN C 54 2.71 15.10 -38.02
CA GLN C 54 1.58 15.71 -38.69
C GLN C 54 1.49 15.28 -40.15
N LEU C 55 0.26 15.30 -40.67
CA LEU C 55 0.03 15.08 -42.08
C LEU C 55 0.44 16.32 -42.87
N SER C 56 0.82 16.11 -44.13
CA SER C 56 1.34 17.22 -44.93
C SER C 56 0.26 18.23 -45.29
N SER C 57 -1.01 17.86 -45.26
CA SER C 57 -2.09 18.83 -45.46
C SER C 57 -2.15 19.85 -44.33
N ASN C 58 -1.80 19.43 -43.11
CA ASN C 58 -1.85 20.32 -41.94
C ASN C 58 -0.55 21.06 -41.69
N LEU C 59 0.49 20.81 -42.48
CA LEU C 59 1.73 21.53 -42.24
C LEU C 59 1.58 22.98 -42.61
N MET C 60 2.27 23.83 -41.87
CA MET C 60 2.22 25.26 -42.13
C MET C 60 2.80 25.55 -43.51
N PRO C 61 2.18 26.45 -44.28
CA PRO C 61 2.70 26.77 -45.61
C PRO C 61 4.15 27.23 -45.54
N GLY C 62 4.97 26.68 -46.41
CA GLY C 62 6.40 26.93 -46.40
C GLY C 62 7.24 25.82 -45.81
N CYS C 63 6.62 24.72 -45.36
CA CYS C 63 7.32 23.61 -44.75
C CYS C 63 7.39 22.42 -45.70
N ASP C 64 8.39 21.57 -45.49
CA ASP C 64 8.65 20.43 -46.36
C ASP C 64 8.81 19.16 -45.53
N TYR C 65 8.43 18.04 -46.13
CA TYR C 65 8.77 16.70 -45.63
C TYR C 65 9.67 16.04 -46.66
N SER C 66 10.72 15.36 -46.19
CA SER C 66 11.68 14.72 -47.06
C SER C 66 11.98 13.32 -46.55
N LEU C 67 11.97 12.34 -47.44
CA LEU C 67 12.38 10.98 -47.12
C LEU C 67 13.44 10.54 -48.11
N PHE C 68 14.62 10.20 -47.60
CA PHE C 68 15.75 9.84 -48.42
C PHE C 68 16.45 8.63 -47.82
N LYS C 69 17.12 7.85 -48.68
CA LYS C 69 17.91 6.73 -48.21
C LYS C 69 19.03 7.22 -47.29
N ASP C 70 19.29 6.46 -46.23
CA ASP C 70 20.33 6.83 -45.29
C ASP C 70 21.69 6.89 -46.00
N GLY C 71 22.36 8.03 -45.89
CA GLY C 71 23.59 8.29 -46.59
C GLY C 71 23.46 9.27 -47.73
N ILE C 72 22.26 9.44 -48.27
CA ILE C 72 21.98 10.44 -49.31
C ILE C 72 21.23 11.59 -48.66
N GLU C 73 21.71 12.78 -48.87
CA GLU C 73 21.12 13.95 -48.25
C GLU C 73 20.15 14.65 -49.19
N PRO C 74 19.09 15.25 -48.65
CA PRO C 74 18.08 15.91 -49.50
C PRO C 74 18.55 17.22 -50.11
N MET C 75 19.53 17.17 -51.00
CA MET C 75 20.06 18.36 -51.66
C MET C 75 20.45 18.01 -53.07
N TRP C 76 20.41 19.01 -53.96
CA TRP C 76 20.95 18.83 -55.30
C TRP C 76 22.44 18.56 -55.26
N GLU C 77 23.14 19.16 -54.30
CA GLU C 77 24.60 19.12 -54.24
C GLU C 77 25.14 17.74 -53.87
N ASP C 78 24.32 16.86 -53.32
CA ASP C 78 24.79 15.53 -52.95
C ASP C 78 25.25 14.76 -54.18
N GLU C 79 26.26 13.91 -53.99
CA GLU C 79 26.87 13.20 -55.11
C GLU C 79 25.87 12.32 -55.85
N LYS C 80 24.90 11.76 -55.15
CA LYS C 80 23.90 10.89 -55.77
C LYS C 80 22.69 11.66 -56.27
N ASN C 81 22.72 12.99 -56.23
CA ASN C 81 21.64 13.81 -56.76
C ASN C 81 22.10 14.88 -57.73
N LYS C 82 23.42 15.09 -57.89
CA LYS C 82 23.91 16.15 -58.76
C LYS C 82 23.55 15.88 -60.23
N ARG C 83 23.61 14.61 -60.65
CA ARG C 83 23.35 14.23 -62.03
C ARG C 83 22.00 13.57 -62.22
N GLY C 84 21.07 13.76 -61.27
CA GLY C 84 19.77 13.15 -61.32
C GLY C 84 18.65 14.14 -61.58
N GLY C 85 17.45 13.72 -61.22
CA GLY C 85 16.27 14.56 -61.39
C GLY C 85 15.11 14.01 -60.61
N ARG C 86 13.94 14.60 -60.84
CA ARG C 86 12.74 14.25 -60.07
C ARG C 86 11.56 14.01 -61.00
N TRP C 87 10.71 13.05 -60.64
CA TRP C 87 9.39 12.93 -61.23
C TRP C 87 8.44 13.82 -60.42
N LEU C 88 8.03 14.94 -61.01
CA LEU C 88 7.31 15.98 -60.29
C LEU C 88 5.81 15.86 -60.54
N ILE C 89 5.03 15.93 -59.47
CA ILE C 89 3.58 15.95 -59.55
C ILE C 89 3.10 17.23 -58.86
N THR C 90 2.45 18.10 -59.62
CA THR C 90 1.97 19.38 -59.13
C THR C 90 0.52 19.25 -58.69
N LEU C 91 0.19 19.87 -57.57
CA LEU C 91 -1.12 19.70 -56.95
C LEU C 91 -1.73 21.08 -56.69
N ASN C 92 -3.01 21.22 -57.01
CA ASN C 92 -3.69 22.49 -56.80
C ASN C 92 -4.24 22.56 -55.37
N LYS C 93 -4.82 23.70 -55.03
CA LYS C 93 -5.30 23.96 -53.68
C LYS C 93 -6.46 23.05 -53.30
N GLN C 94 -7.13 22.44 -54.28
CA GLN C 94 -8.24 21.54 -54.01
C GLN C 94 -7.79 20.10 -53.83
N GLN C 95 -6.71 19.70 -54.51
CA GLN C 95 -6.10 18.41 -54.22
C GLN C 95 -5.41 18.39 -52.86
N ARG C 96 -5.13 19.57 -52.30
CA ARG C 96 -4.62 19.66 -50.92
C ARG C 96 -5.55 18.96 -49.94
N ARG C 97 -6.86 19.16 -50.11
CA ARG C 97 -7.86 18.50 -49.29
C ARG C 97 -8.12 17.08 -49.77
N SER C 98 -8.04 16.87 -51.08
CA SER C 98 -8.52 15.67 -51.73
C SER C 98 -7.46 14.61 -51.95
N ASP C 99 -6.25 14.98 -52.35
CA ASP C 99 -5.26 14.01 -52.83
C ASP C 99 -3.93 14.02 -52.09
N LEU C 100 -3.61 15.07 -51.33
CA LEU C 100 -2.23 15.27 -50.89
C LEU C 100 -1.74 14.26 -49.85
N ASP C 101 -2.55 13.93 -48.84
CA ASP C 101 -2.09 13.03 -47.79
C ASP C 101 -1.98 11.61 -48.30
N ARG C 102 -3.00 11.22 -49.05
CA ARG C 102 -3.08 9.93 -49.70
C ARG C 102 -1.98 9.74 -50.74
N PHE C 103 -1.62 10.79 -51.49
CA PHE C 103 -0.55 10.71 -52.49
C PHE C 103 0.81 10.56 -51.83
N TRP C 104 1.02 11.27 -50.71
CA TRP C 104 2.33 11.25 -50.05
C TRP C 104 2.58 9.91 -49.37
N LEU C 105 1.55 9.30 -48.78
CA LEU C 105 1.73 8.01 -48.12
C LEU C 105 2.04 6.92 -49.13
N GLU C 106 1.35 6.90 -50.28
CA GLU C 106 1.68 5.93 -51.31
C GLU C 106 3.10 6.15 -51.82
N THR C 107 3.52 7.41 -51.92
CA THR C 107 4.91 7.70 -52.25
C THR C 107 5.85 7.09 -51.22
N LEU C 108 5.56 7.32 -49.93
CA LEU C 108 6.37 6.72 -48.87
C LEU C 108 6.42 5.20 -48.99
N LEU C 109 5.27 4.57 -49.30
CA LEU C 109 5.23 3.12 -49.40
C LEU C 109 5.97 2.62 -50.63
N CYS C 110 5.93 3.37 -51.73
CA CYS C 110 6.66 2.96 -52.93
C CYS C 110 8.17 3.02 -52.73
N LEU C 111 8.64 3.78 -51.74
CA LEU C 111 10.07 3.89 -51.49
C LEU C 111 10.55 2.78 -50.57
N ILE C 112 9.99 2.71 -49.36
CA ILE C 112 10.39 1.70 -48.39
C ILE C 112 9.99 0.30 -48.84
N GLY C 113 9.02 0.17 -49.73
CA GLY C 113 8.63 -1.11 -50.27
C GLY C 113 9.35 -1.54 -51.53
N GLU C 114 10.17 -0.68 -52.11
CA GLU C 114 10.90 -0.95 -53.35
C GLU C 114 9.97 -1.46 -54.44
N SER C 115 9.00 -0.62 -54.78
CA SER C 115 7.93 -0.96 -55.71
C SER C 115 8.33 -0.81 -57.17
N PHE C 116 9.62 -0.63 -57.47
CA PHE C 116 10.07 -0.35 -58.82
C PHE C 116 10.97 -1.47 -59.35
N ASP C 117 10.80 -2.68 -58.82
CA ASP C 117 11.41 -3.92 -59.36
C ASP C 117 12.92 -3.76 -59.30
N ASP C 118 13.65 -4.09 -60.37
CA ASP C 118 15.10 -4.04 -60.34
C ASP C 118 15.62 -2.61 -60.27
N TYR C 119 14.87 -1.64 -60.76
CA TYR C 119 15.31 -0.25 -60.81
C TYR C 119 15.14 0.48 -59.48
N SER C 120 14.84 -0.24 -58.40
CA SER C 120 14.75 0.38 -57.08
C SER C 120 16.08 0.91 -56.58
N ASP C 121 17.20 0.51 -57.18
CA ASP C 121 18.47 1.09 -56.79
C ASP C 121 18.62 2.53 -57.27
N ASP C 122 17.92 2.91 -58.34
CA ASP C 122 18.04 4.25 -58.91
C ASP C 122 17.27 5.33 -58.16
N VAL C 123 16.42 4.98 -57.21
CA VAL C 123 15.67 6.00 -56.46
C VAL C 123 16.54 6.55 -55.34
N CYS C 124 16.51 7.87 -55.17
CA CYS C 124 17.24 8.56 -54.11
C CYS C 124 16.35 8.97 -52.95
N GLY C 125 15.13 9.44 -53.22
CA GLY C 125 14.24 9.87 -52.16
C GLY C 125 13.02 10.55 -52.71
N ALA C 126 12.26 11.17 -51.81
CA ALA C 126 11.03 11.87 -52.17
C ALA C 126 10.90 13.13 -51.32
N VAL C 127 10.25 14.14 -51.90
CA VAL C 127 10.06 15.44 -51.26
C VAL C 127 8.63 15.91 -51.52
N VAL C 128 7.96 16.38 -50.47
CA VAL C 128 6.67 17.05 -50.58
C VAL C 128 6.83 18.47 -50.07
N ASN C 129 6.53 19.44 -50.91
CA ASN C 129 6.60 20.85 -50.56
C ASN C 129 5.20 21.41 -50.36
N VAL C 130 4.98 22.08 -49.24
CA VAL C 130 3.69 22.70 -48.91
C VAL C 130 3.83 24.19 -49.22
N ARG C 131 3.23 24.61 -50.33
CA ARG C 131 3.27 26.01 -50.78
C ARG C 131 1.84 26.53 -50.86
N ALA C 132 1.71 27.86 -50.73
CA ALA C 132 0.39 28.47 -50.85
C ALA C 132 -0.10 28.43 -52.30
N LYS C 133 0.81 28.63 -53.25
CA LYS C 133 0.47 28.60 -54.67
C LYS C 133 0.22 27.19 -55.20
N GLY C 134 0.40 26.16 -54.38
CA GLY C 134 0.22 24.79 -54.82
C GLY C 134 1.35 23.89 -54.36
N ASP C 135 1.01 22.69 -53.91
CA ASP C 135 2.00 21.77 -53.35
C ASP C 135 2.59 20.88 -54.42
N LYS C 136 3.77 20.35 -54.12
CA LYS C 136 4.52 19.52 -55.04
C LYS C 136 4.92 18.23 -54.33
N ILE C 137 4.90 17.12 -55.06
CA ILE C 137 5.49 15.86 -54.60
C ILE C 137 6.37 15.32 -55.72
N ALA C 138 7.59 14.93 -55.38
CA ALA C 138 8.57 14.50 -56.37
C ALA C 138 9.34 13.30 -55.85
N ILE C 139 9.72 12.41 -56.77
CA ILE C 139 10.55 11.26 -56.48
C ILE C 139 11.87 11.45 -57.20
N TRP C 140 12.97 11.41 -56.46
CA TRP C 140 14.28 11.73 -57.01
C TRP C 140 14.99 10.46 -57.45
N THR C 141 15.72 10.58 -58.57
CA THR C 141 16.46 9.47 -59.15
C THR C 141 17.91 9.86 -59.31
N THR C 142 18.77 8.87 -59.51
CA THR C 142 20.21 9.09 -59.51
C THR C 142 20.76 9.58 -60.85
N GLU C 143 20.09 9.27 -61.96
CA GLU C 143 20.57 9.70 -63.27
C GLU C 143 19.39 9.94 -64.20
N CYS C 144 19.40 11.11 -64.86
CA CYS C 144 18.35 11.43 -65.81
C CYS C 144 18.60 10.83 -67.18
N GLU C 145 19.81 10.32 -67.43
CA GLU C 145 20.16 9.73 -68.71
C GLU C 145 19.97 8.21 -68.72
N ASN C 146 19.58 7.62 -67.59
CA ASN C 146 19.25 6.19 -67.54
C ASN C 146 17.75 6.09 -67.81
N ARG C 147 17.41 6.00 -69.10
CA ARG C 147 16.01 6.07 -69.51
C ARG C 147 15.22 4.86 -69.03
N ASP C 148 15.81 3.67 -69.13
CA ASP C 148 15.11 2.47 -68.70
C ASP C 148 14.72 2.53 -67.22
N ALA C 149 15.55 3.19 -66.40
CA ALA C 149 15.25 3.30 -64.98
C ALA C 149 14.17 4.35 -64.71
N VAL C 150 14.31 5.54 -65.30
CA VAL C 150 13.38 6.63 -65.00
C VAL C 150 12.00 6.34 -65.59
N THR C 151 11.95 5.78 -66.81
CA THR C 151 10.67 5.52 -67.44
C THR C 151 9.87 4.48 -66.65
N HIS C 152 10.53 3.37 -66.27
CA HIS C 152 9.85 2.35 -65.49
C HIS C 152 9.36 2.89 -64.15
N ILE C 153 10.16 3.77 -63.53
CA ILE C 153 9.73 4.39 -62.27
C ILE C 153 8.53 5.28 -62.51
N GLY C 154 8.53 6.04 -63.61
CA GLY C 154 7.41 6.91 -63.89
C GLY C 154 6.13 6.15 -64.19
N ARG C 155 6.26 5.00 -64.87
CA ARG C 155 5.08 4.20 -65.18
C ARG C 155 4.51 3.56 -63.92
N VAL C 156 5.37 3.02 -63.06
CA VAL C 156 4.90 2.40 -61.83
C VAL C 156 4.32 3.44 -60.88
N TYR C 157 4.95 4.62 -60.82
CA TYR C 157 4.48 5.67 -59.92
C TYR C 157 3.07 6.13 -60.29
N LYS C 158 2.82 6.34 -61.58
CA LYS C 158 1.51 6.81 -62.01
C LYS C 158 0.42 5.77 -61.76
N GLU C 159 0.73 4.50 -62.00
CA GLU C 159 -0.27 3.45 -61.82
C GLU C 159 -0.60 3.25 -60.35
N ARG C 160 0.40 3.31 -59.47
CA ARG C 160 0.15 3.08 -58.05
C ARG C 160 -0.62 4.23 -57.42
N LEU C 161 -0.53 5.44 -57.98
CA LEU C 161 -1.32 6.56 -57.48
C LEU C 161 -2.71 6.64 -58.11
N GLY C 162 -2.97 5.85 -59.15
CA GLY C 162 -4.29 5.87 -59.78
C GLY C 162 -4.58 7.07 -60.65
N LEU C 163 -3.55 7.78 -61.10
CA LEU C 163 -3.79 8.96 -61.94
C LEU C 163 -4.30 8.52 -63.31
N PRO C 164 -5.35 9.14 -63.83
CA PRO C 164 -5.89 8.73 -65.13
C PRO C 164 -4.96 9.12 -66.26
N PRO C 165 -5.07 8.47 -67.42
CA PRO C 165 -4.20 8.84 -68.55
C PRO C 165 -4.39 10.26 -69.02
N LYS C 166 -5.53 10.89 -68.74
CA LYS C 166 -5.73 12.28 -69.13
C LYS C 166 -4.75 13.20 -68.42
N ILE C 167 -4.41 12.89 -67.17
CA ILE C 167 -3.41 13.65 -66.44
C ILE C 167 -2.03 13.20 -66.87
N VAL C 168 -1.07 14.12 -66.84
CA VAL C 168 0.27 13.85 -67.32
C VAL C 168 1.29 14.35 -66.30
N ILE C 169 2.31 13.55 -66.04
CA ILE C 169 3.39 13.89 -65.11
C ILE C 169 4.69 13.92 -65.89
N GLY C 170 5.58 14.84 -65.52
CA GLY C 170 6.84 15.02 -66.19
C GLY C 170 8.02 14.75 -65.26
N TYR C 171 9.19 14.60 -65.88
CA TYR C 171 10.44 14.38 -65.16
C TYR C 171 11.43 15.45 -65.58
N GLN C 172 11.98 16.17 -64.60
CA GLN C 172 12.88 17.29 -64.86
C GLN C 172 14.21 17.05 -64.17
N SER C 173 15.29 17.39 -64.87
CA SER C 173 16.63 17.27 -64.29
C SER C 173 16.85 18.35 -63.24
N HIS C 174 17.60 17.99 -62.19
CA HIS C 174 17.95 18.98 -61.17
C HIS C 174 18.83 20.08 -61.77
N ALA C 175 19.64 19.72 -62.77
CA ALA C 175 20.47 20.70 -63.46
C ALA C 175 19.63 21.67 -64.27
N ASP C 176 18.52 21.20 -64.85
CA ASP C 176 17.66 22.07 -65.64
C ASP C 176 16.99 23.13 -64.78
N THR C 177 16.70 22.82 -63.51
CA THR C 177 16.12 23.79 -62.60
C THR C 177 17.22 24.75 -62.15
N ALA C 178 17.18 25.98 -62.65
CA ALA C 178 18.18 26.99 -62.32
C ALA C 178 17.60 28.39 -62.42
N LYS C 186 10.40 21.82 -70.83
CA LYS C 186 11.63 21.59 -70.05
C LYS C 186 11.64 20.19 -69.46
N ASN C 187 10.68 19.37 -69.87
CA ASN C 187 10.58 17.99 -69.39
C ASN C 187 11.38 17.07 -70.27
N ARG C 188 12.24 16.25 -69.65
CA ARG C 188 13.03 15.27 -70.38
C ARG C 188 12.24 13.99 -70.64
N PHE C 189 11.36 13.60 -69.72
CA PHE C 189 10.51 12.43 -69.87
C PHE C 189 9.07 12.79 -69.52
N VAL C 190 8.13 12.04 -70.10
CA VAL C 190 6.71 12.27 -69.92
C VAL C 190 6.04 10.93 -69.63
N VAL C 191 5.10 10.94 -68.70
CA VAL C 191 4.40 9.73 -68.29
C VAL C 191 2.91 10.00 -68.17
N PRO D 5 -15.88 16.02 33.45
CA PRO D 5 -15.51 14.94 34.37
C PRO D 5 -16.43 13.73 34.26
N GLU D 6 -17.70 13.96 33.94
CA GLU D 6 -18.65 12.84 33.85
C GLU D 6 -18.35 11.97 32.63
N HIS D 7 -17.99 12.59 31.51
CA HIS D 7 -17.92 11.88 30.25
C HIS D 7 -16.76 10.90 30.19
N TYR D 8 -15.61 11.25 30.80
CA TYR D 8 -14.37 10.53 30.51
C TYR D 8 -13.68 9.96 31.74
N ILE D 9 -14.24 10.10 32.94
CA ILE D 9 -13.63 9.57 34.16
C ILE D 9 -14.43 8.34 34.58
N LYS D 10 -13.70 7.27 34.89
CA LYS D 10 -14.30 6.08 35.47
C LYS D 10 -14.78 6.37 36.89
N HIS D 11 -15.92 5.80 37.26
CA HIS D 11 -16.46 5.97 38.60
CA HIS D 11 -16.45 5.98 38.60
C HIS D 11 -15.65 5.14 39.58
N PRO D 12 -14.93 5.74 40.52
CA PRO D 12 -14.11 4.95 41.45
C PRO D 12 -14.95 4.36 42.58
N LEU D 13 -14.54 3.17 43.00
CA LEU D 13 -15.17 2.53 44.15
C LEU D 13 -14.52 3.00 45.44
N GLN D 14 -15.24 2.79 46.55
CA GLN D 14 -14.72 3.18 47.86
C GLN D 14 -13.52 2.33 48.28
N ASN D 15 -13.37 1.13 47.72
CA ASN D 15 -12.25 0.27 48.03
C ASN D 15 -11.76 -0.39 46.76
N ARG D 16 -10.51 -0.86 46.80
CA ARG D 16 -9.97 -1.71 45.75
C ARG D 16 -10.20 -3.16 46.12
N TRP D 17 -10.78 -3.91 45.19
CA TRP D 17 -11.17 -5.29 45.43
C TRP D 17 -10.31 -6.24 44.61
N ALA D 18 -10.15 -7.46 45.12
CA ALA D 18 -9.40 -8.52 44.46
C ALA D 18 -10.27 -9.76 44.38
N LEU D 19 -10.37 -10.33 43.19
CA LEU D 19 -11.20 -11.51 42.97
C LEU D 19 -10.30 -12.74 42.85
N TRP D 20 -10.62 -13.78 43.60
CA TRP D 20 -9.82 -14.98 43.68
C TRP D 20 -10.55 -16.17 43.07
N PHE D 21 -9.79 -17.15 42.61
CA PHE D 21 -10.32 -18.39 42.08
C PHE D 21 -9.67 -19.56 42.80
N PHE D 22 -10.45 -20.61 43.05
CA PHE D 22 -9.95 -21.83 43.68
C PHE D 22 -10.35 -23.01 42.80
N LYS D 23 -9.41 -23.92 42.55
CA LYS D 23 -9.63 -25.10 41.73
C LYS D 23 -9.18 -26.33 42.49
N ASN D 24 -10.11 -27.26 42.72
CA ASN D 24 -9.78 -28.50 43.42
C ASN D 24 -8.76 -29.30 42.62
N ASP D 25 -7.58 -29.51 43.22
CA ASP D 25 -6.53 -30.33 42.60
C ASP D 25 -5.86 -31.12 43.71
N LYS D 26 -6.01 -32.45 43.66
CA LYS D 26 -5.44 -33.31 44.69
C LYS D 26 -3.91 -33.32 44.66
N SER D 27 -3.30 -33.02 43.51
CA SER D 27 -1.85 -33.01 43.42
C SER D 27 -1.22 -31.92 44.28
N LYS D 28 -1.96 -30.83 44.52
CA LYS D 28 -1.45 -29.69 45.27
C LYS D 28 -2.21 -29.55 46.59
N THR D 29 -1.59 -28.81 47.51
CA THR D 29 -2.25 -28.48 48.77
C THR D 29 -3.33 -27.42 48.53
N TRP D 30 -4.10 -27.16 49.58
CA TRP D 30 -5.22 -26.23 49.46
C TRP D 30 -4.72 -24.82 49.16
N GLN D 31 -3.69 -24.37 49.88
CA GLN D 31 -3.15 -23.03 49.67
C GLN D 31 -2.59 -22.86 48.26
N ALA D 32 -2.02 -23.93 47.69
CA ALA D 32 -1.48 -23.84 46.33
C ALA D 32 -2.58 -23.70 45.29
N ASN D 33 -3.79 -24.16 45.59
CA ASN D 33 -4.90 -24.06 44.65
C ASN D 33 -5.61 -22.71 44.67
N LEU D 34 -5.26 -21.82 45.60
CA LEU D 34 -5.84 -20.49 45.60
C LEU D 34 -5.09 -19.60 44.62
N ARG D 35 -5.83 -18.94 43.74
CA ARG D 35 -5.23 -18.16 42.66
C ARG D 35 -5.89 -16.79 42.55
N LEU D 36 -5.06 -15.74 42.60
CA LEU D 36 -5.54 -14.37 42.41
C LEU D 36 -5.78 -14.11 40.93
N ILE D 37 -7.01 -13.72 40.59
CA ILE D 37 -7.37 -13.45 39.20
C ILE D 37 -6.95 -12.04 38.81
N SER D 38 -7.58 -11.05 39.41
CA SER D 38 -7.37 -9.65 39.04
C SER D 38 -7.87 -8.75 40.16
N LYS D 39 -7.47 -7.49 40.10
CA LYS D 39 -7.92 -6.47 41.03
C LYS D 39 -8.57 -5.33 40.25
N PHE D 40 -9.39 -4.55 40.94
CA PHE D 40 -10.10 -3.44 40.32
C PHE D 40 -10.54 -2.47 41.40
N ASP D 41 -10.77 -1.21 40.99
CA ASP D 41 -11.25 -0.20 41.91
C ASP D 41 -12.26 0.75 41.27
N THR D 42 -12.69 0.48 40.05
CA THR D 42 -13.70 1.30 39.37
C THR D 42 -14.87 0.44 38.96
N VAL D 43 -16.00 1.10 38.70
CA VAL D 43 -17.21 0.40 38.25
C VAL D 43 -16.96 -0.27 36.91
N GLU D 44 -16.34 0.45 35.98
CA GLU D 44 -16.15 -0.06 34.62
C GLU D 44 -15.20 -1.25 34.60
N ASP D 45 -14.20 -1.26 35.48
CA ASP D 45 -13.27 -2.39 35.54
C ASP D 45 -13.90 -3.62 36.18
N PHE D 46 -14.94 -3.44 36.99
CA PHE D 46 -15.64 -4.59 37.56
C PHE D 46 -16.43 -5.33 36.50
N TRP D 47 -17.20 -4.60 35.69
CA TRP D 47 -17.99 -5.23 34.64
C TRP D 47 -17.09 -5.85 33.57
N ALA D 48 -15.95 -5.22 33.28
CA ALA D 48 -15.02 -5.80 32.31
C ALA D 48 -14.51 -7.15 32.80
N LEU D 49 -14.30 -7.29 34.10
CA LEU D 49 -13.83 -8.56 34.64
C LEU D 49 -14.98 -9.54 34.84
N TYR D 50 -16.15 -9.04 35.26
CA TYR D 50 -17.29 -9.92 35.48
C TYR D 50 -17.82 -10.49 34.16
N ASN D 51 -17.89 -9.67 33.11
CA ASN D 51 -18.39 -10.12 31.82
C ASN D 51 -17.37 -10.97 31.07
N HIS D 52 -16.18 -11.15 31.62
CA HIS D 52 -15.13 -11.94 30.96
C HIS D 52 -14.91 -13.29 31.63
N ILE D 53 -15.38 -13.48 32.86
CA ILE D 53 -15.19 -14.73 33.59
C ILE D 53 -16.49 -15.53 33.53
N GLN D 54 -16.35 -16.83 33.79
CA GLN D 54 -17.48 -17.74 33.74
C GLN D 54 -18.41 -17.51 34.93
N LEU D 55 -19.70 -17.81 34.72
CA LEU D 55 -20.65 -17.78 35.83
C LEU D 55 -20.45 -19.00 36.72
N SER D 56 -20.83 -18.85 37.99
CA SER D 56 -20.62 -19.94 38.95
C SER D 56 -21.53 -21.13 38.68
N SER D 57 -22.63 -20.93 37.94
CA SER D 57 -23.44 -22.07 37.52
C SER D 57 -22.67 -22.99 36.59
N ASN D 58 -21.79 -22.42 35.77
CA ASN D 58 -21.03 -23.20 34.80
C ASN D 58 -19.67 -23.66 35.36
N LEU D 59 -19.36 -23.31 36.60
CA LEU D 59 -18.12 -23.75 37.23
C LEU D 59 -18.18 -25.22 37.58
N MET D 60 -17.03 -25.88 37.50
CA MET D 60 -16.94 -27.28 37.87
C MET D 60 -17.15 -27.43 39.37
N PRO D 61 -17.88 -28.46 39.81
CA PRO D 61 -18.07 -28.67 41.25
C PRO D 61 -16.73 -28.81 41.96
N GLY D 62 -16.60 -28.09 43.07
CA GLY D 62 -15.36 -28.02 43.81
C GLY D 62 -14.56 -26.76 43.62
N CYS D 63 -15.05 -25.82 42.81
CA CYS D 63 -14.36 -24.57 42.55
C CYS D 63 -15.04 -23.42 43.29
N ASP D 64 -14.26 -22.38 43.58
CA ASP D 64 -14.74 -21.24 44.35
C ASP D 64 -14.35 -19.93 43.66
N TYR D 65 -15.19 -18.92 43.85
CA TYR D 65 -14.86 -17.53 43.53
C TYR D 65 -14.82 -16.76 44.84
N SER D 66 -13.84 -15.90 44.99
CA SER D 66 -13.67 -15.12 46.21
C SER D 66 -13.39 -13.67 45.83
N LEU D 67 -14.09 -12.74 46.47
CA LEU D 67 -13.83 -11.32 46.29
C LEU D 67 -13.61 -10.69 47.66
N PHE D 68 -12.44 -10.10 47.85
CA PHE D 68 -12.05 -9.54 49.13
C PHE D 68 -11.41 -8.17 48.91
N LYS D 69 -11.48 -7.33 49.94
CA LYS D 69 -10.79 -6.05 49.90
C LYS D 69 -9.29 -6.26 49.76
N ASP D 70 -8.66 -5.40 48.95
CA ASP D 70 -7.23 -5.50 48.73
C ASP D 70 -6.48 -5.35 50.04
N GLY D 71 -5.62 -6.32 50.35
CA GLY D 71 -4.90 -6.38 51.61
C GLY D 71 -5.39 -7.46 52.54
N ILE D 72 -6.62 -7.93 52.36
CA ILE D 72 -7.17 -9.04 53.15
C ILE D 72 -7.18 -10.28 52.27
N GLU D 73 -6.67 -11.37 52.81
CA GLU D 73 -6.64 -12.58 52.00
C GLU D 73 -7.88 -13.43 52.26
N PRO D 74 -8.35 -14.15 51.24
CA PRO D 74 -9.55 -14.97 51.44
C PRO D 74 -9.26 -16.21 52.28
N MET D 75 -8.91 -15.98 53.55
CA MET D 75 -8.58 -17.06 54.45
C MET D 75 -9.00 -16.70 55.87
N TRP D 76 -9.15 -17.74 56.71
CA TRP D 76 -9.52 -17.53 58.11
C TRP D 76 -8.38 -16.89 58.89
N GLU D 77 -7.14 -17.26 58.57
CA GLU D 77 -5.96 -16.87 59.33
C GLU D 77 -5.62 -15.39 59.22
N ASP D 78 -6.18 -14.68 58.24
CA ASP D 78 -5.87 -13.26 58.07
C ASP D 78 -6.29 -12.48 59.30
N GLU D 79 -5.54 -11.42 59.60
CA GLU D 79 -5.76 -10.66 60.83
C GLU D 79 -7.16 -10.06 60.89
N LYS D 80 -7.73 -9.69 59.75
CA LYS D 80 -9.07 -9.12 59.69
C LYS D 80 -10.15 -10.17 59.54
N ASN D 81 -9.81 -11.46 59.62
CA ASN D 81 -10.78 -12.53 59.54
C ASN D 81 -10.67 -13.54 60.67
N LYS D 82 -9.65 -13.47 61.52
CA LYS D 82 -9.47 -14.47 62.56
C LYS D 82 -10.60 -14.42 63.59
N ARG D 83 -11.08 -13.22 63.90
CA ARG D 83 -12.12 -13.04 64.91
C ARG D 83 -13.48 -12.74 64.31
N GLY D 84 -13.69 -13.07 63.03
CA GLY D 84 -14.93 -12.78 62.35
C GLY D 84 -15.74 -14.01 62.04
N GLY D 85 -16.64 -13.87 61.07
CA GLY D 85 -17.50 -14.96 60.66
C GLY D 85 -18.19 -14.63 59.36
N ARG D 86 -19.15 -15.48 58.98
CA ARG D 86 -19.83 -15.35 57.70
C ARG D 86 -21.34 -15.46 57.88
N TRP D 87 -22.07 -14.68 57.10
CA TRP D 87 -23.51 -14.87 56.92
C TRP D 87 -23.71 -15.82 55.74
N LEU D 88 -24.14 -17.05 56.04
CA LEU D 88 -24.17 -18.12 55.05
C LEU D 88 -25.58 -18.29 54.48
N ILE D 89 -25.66 -18.44 53.16
CA ILE D 89 -26.90 -18.69 52.45
C ILE D 89 -26.78 -20.07 51.83
N THR D 90 -27.69 -20.97 52.19
CA THR D 90 -27.63 -22.36 51.76
C THR D 90 -28.44 -22.55 50.50
N LEU D 91 -27.89 -23.32 49.57
CA LEU D 91 -28.50 -23.52 48.26
C LEU D 91 -28.59 -25.00 47.96
N ASN D 92 -29.75 -25.44 47.49
CA ASN D 92 -29.90 -26.83 47.08
C ASN D 92 -29.51 -26.94 45.61
N LYS D 93 -29.54 -28.16 45.09
CA LYS D 93 -29.11 -28.41 43.72
C LYS D 93 -30.01 -27.74 42.69
N GLN D 94 -31.27 -27.47 43.05
CA GLN D 94 -32.19 -26.81 42.13
C GLN D 94 -31.99 -25.30 42.09
N GLN D 95 -31.46 -24.70 43.16
CA GLN D 95 -31.26 -23.26 43.19
C GLN D 95 -30.05 -22.82 42.38
N ARG D 96 -29.11 -23.71 42.08
CA ARG D 96 -28.01 -23.36 41.20
C ARG D 96 -28.51 -22.86 39.85
N ARG D 97 -29.58 -23.47 39.33
CA ARG D 97 -30.14 -23.04 38.07
C ARG D 97 -30.93 -21.74 38.24
N SER D 98 -31.63 -21.60 39.38
CA SER D 98 -32.60 -20.54 39.58
C SER D 98 -32.05 -19.33 40.33
N ASP D 99 -31.21 -19.52 41.36
CA ASP D 99 -30.87 -18.44 42.27
C ASP D 99 -29.38 -18.17 42.47
N LEU D 100 -28.48 -19.08 42.11
CA LEU D 100 -27.08 -18.95 42.56
C LEU D 100 -26.39 -17.75 41.92
N ASP D 101 -26.58 -17.55 40.61
CA ASP D 101 -25.89 -16.46 39.94
C ASP D 101 -26.51 -15.11 40.28
N ARG D 102 -27.84 -15.05 40.39
CA ARG D 102 -28.47 -13.80 40.79
C ARG D 102 -28.09 -13.43 42.22
N PHE D 103 -27.95 -14.44 43.09
CA PHE D 103 -27.55 -14.18 44.46
C PHE D 103 -26.10 -13.72 44.53
N TRP D 104 -25.23 -14.32 43.72
CA TRP D 104 -23.81 -13.97 43.75
C TRP D 104 -23.56 -12.58 43.18
N LEU D 105 -24.27 -12.21 42.11
CA LEU D 105 -24.10 -10.89 41.53
C LEU D 105 -24.61 -9.81 42.46
N GLU D 106 -25.76 -10.02 43.10
CA GLU D 106 -26.22 -9.06 44.09
C GLU D 106 -25.25 -8.98 45.26
N THR D 107 -24.66 -10.12 45.65
CA THR D 107 -23.62 -10.11 46.67
C THR D 107 -22.44 -9.25 46.25
N LEU D 108 -21.95 -9.45 45.03
CA LEU D 108 -20.83 -8.64 44.53
C LEU D 108 -21.18 -7.15 44.57
N LEU D 109 -22.41 -6.81 44.21
CA LEU D 109 -22.82 -5.41 44.21
C LEU D 109 -22.93 -4.84 45.62
N CYS D 110 -23.33 -5.66 46.60
CA CYS D 110 -23.44 -5.19 47.98
C CYS D 110 -22.08 -4.86 48.59
N LEU D 111 -20.99 -5.44 48.08
CA LEU D 111 -19.67 -5.15 48.62
C LEU D 111 -19.04 -3.94 47.95
N ILE D 112 -18.87 -4.00 46.62
CA ILE D 112 -18.24 -2.87 45.91
C ILE D 112 -19.13 -1.64 45.96
N GLY D 113 -20.43 -1.79 46.22
CA GLY D 113 -21.32 -0.67 46.38
C GLY D 113 -21.46 -0.16 47.79
N GLU D 114 -20.86 -0.86 48.76
CA GLU D 114 -20.93 -0.50 50.18
C GLU D 114 -22.38 -0.27 50.61
N SER D 115 -23.17 -1.33 50.49
CA SER D 115 -24.61 -1.28 50.71
C SER D 115 -25.00 -1.39 52.18
N PHE D 116 -24.04 -1.30 53.11
CA PHE D 116 -24.33 -1.50 54.53
C PHE D 116 -24.07 -0.25 55.35
N ASP D 117 -24.12 0.93 54.73
CA ASP D 117 -24.11 2.23 55.42
C ASP D 117 -22.82 2.33 56.24
N ASP D 118 -22.88 2.73 57.50
CA ASP D 118 -21.66 2.91 58.29
C ASP D 118 -20.97 1.58 58.59
N TYR D 119 -21.73 0.50 58.66
CA TYR D 119 -21.17 -0.81 59.01
C TYR D 119 -20.53 -1.51 57.83
N SER D 120 -20.37 -0.82 56.69
CA SER D 120 -19.69 -1.40 55.55
C SER D 120 -18.20 -1.58 55.80
N ASP D 121 -17.64 -0.89 56.79
CA ASP D 121 -16.22 -1.06 57.12
C ASP D 121 -15.95 -2.44 57.71
N ASP D 122 -16.96 -3.06 58.33
CA ASP D 122 -16.80 -4.37 58.94
C ASP D 122 -16.85 -5.51 57.93
N VAL D 123 -17.17 -5.22 56.67
CA VAL D 123 -17.22 -6.25 55.64
C VAL D 123 -15.82 -6.55 55.16
N CYS D 124 -15.49 -7.84 55.05
CA CYS D 124 -14.19 -8.28 54.57
C CYS D 124 -14.22 -8.80 53.13
N GLY D 125 -15.26 -9.53 52.77
CA GLY D 125 -15.35 -10.10 51.43
C GLY D 125 -16.52 -11.05 51.32
N ALA D 126 -16.54 -11.79 50.22
CA ALA D 126 -17.58 -12.74 49.92
C ALA D 126 -16.98 -13.98 49.27
N VAL D 127 -17.63 -15.12 49.49
CA VAL D 127 -17.14 -16.41 48.98
C VAL D 127 -18.33 -17.18 48.42
N VAL D 128 -18.15 -17.77 47.24
CA VAL D 128 -19.12 -18.69 46.67
C VAL D 128 -18.48 -20.06 46.52
N ASN D 129 -19.09 -21.06 47.14
CA ASN D 129 -18.68 -22.45 46.98
C ASN D 129 -19.73 -23.16 46.15
N VAL D 130 -19.28 -23.76 45.04
CA VAL D 130 -20.13 -24.56 44.16
C VAL D 130 -19.76 -26.01 44.43
N ARG D 131 -20.59 -26.71 45.20
CA ARG D 131 -20.35 -28.10 45.57
C ARG D 131 -21.50 -28.97 45.07
N ALA D 132 -21.19 -30.27 44.89
CA ALA D 132 -22.22 -31.19 44.42
C ALA D 132 -23.30 -31.40 45.47
N LYS D 133 -22.91 -31.44 46.75
CA LYS D 133 -23.87 -31.59 47.84
C LYS D 133 -24.68 -30.32 48.08
N GLY D 134 -24.40 -29.24 47.35
CA GLY D 134 -25.08 -27.98 47.56
C GLY D 134 -24.14 -26.79 47.55
N ASP D 135 -24.58 -25.70 46.95
CA ASP D 135 -23.74 -24.53 46.78
C ASP D 135 -23.87 -23.60 47.98
N LYS D 136 -22.84 -22.78 48.19
CA LYS D 136 -22.79 -21.83 49.29
C LYS D 136 -22.40 -20.46 48.78
N ILE D 137 -23.01 -19.44 49.37
CA ILE D 137 -22.58 -18.04 49.23
C ILE D 137 -22.56 -17.45 50.63
N ALA D 138 -21.45 -16.78 50.96
CA ALA D 138 -21.27 -16.24 52.30
C ALA D 138 -20.61 -14.87 52.22
N ILE D 139 -20.97 -14.00 53.16
CA ILE D 139 -20.37 -12.69 53.31
C ILE D 139 -19.62 -12.65 54.62
N TRP D 140 -18.32 -12.34 54.55
CA TRP D 140 -17.45 -12.42 55.72
C TRP D 140 -17.36 -11.08 56.43
N THR D 141 -17.27 -11.13 57.75
CA THR D 141 -17.18 -9.95 58.60
C THR D 141 -15.92 -10.04 59.45
N THR D 142 -15.46 -8.90 59.96
CA THR D 142 -14.19 -8.83 60.66
C THR D 142 -14.30 -9.16 62.14
N GLU D 143 -15.48 -9.02 62.75
CA GLU D 143 -15.64 -9.30 64.16
C GLU D 143 -17.02 -9.87 64.42
N CYS D 144 -17.07 -11.01 65.11
CA CYS D 144 -18.34 -11.65 65.44
C CYS D 144 -18.99 -11.09 66.69
N GLU D 145 -18.27 -10.29 67.47
CA GLU D 145 -18.79 -9.73 68.71
C GLU D 145 -19.37 -8.33 68.53
N ASN D 146 -19.33 -7.76 67.33
CA ASN D 146 -19.93 -6.46 67.06
C ASN D 146 -21.36 -6.71 66.60
N ARG D 147 -22.28 -6.73 67.56
CA ARG D 147 -23.66 -7.12 67.27
C ARG D 147 -24.32 -6.13 66.32
N ASP D 148 -24.10 -4.83 66.55
CA ASP D 148 -24.71 -3.82 65.68
C ASP D 148 -24.24 -3.96 64.24
N ALA D 149 -22.99 -4.40 64.03
CA ALA D 149 -22.47 -4.56 62.68
C ALA D 149 -23.03 -5.81 62.01
N VAL D 150 -22.98 -6.95 62.71
CA VAL D 150 -23.38 -8.22 62.11
C VAL D 150 -24.89 -8.24 61.86
N THR D 151 -25.68 -7.73 62.80
CA THR D 151 -27.13 -7.74 62.63
C THR D 151 -27.56 -6.86 61.47
N HIS D 152 -27.04 -5.63 61.41
CA HIS D 152 -27.41 -4.72 60.32
C HIS D 152 -26.99 -5.28 58.96
N ILE D 153 -25.83 -5.92 58.89
CA ILE D 153 -25.38 -6.50 57.63
C ILE D 153 -26.29 -7.66 57.22
N GLY D 154 -26.67 -8.51 58.19
CA GLY D 154 -27.53 -9.64 57.86
C GLY D 154 -28.92 -9.22 57.45
N ARG D 155 -29.45 -8.17 58.09
CA ARG D 155 -30.80 -7.73 57.75
C ARG D 155 -30.83 -7.08 56.38
N VAL D 156 -29.84 -6.24 56.06
CA VAL D 156 -29.80 -5.60 54.76
C VAL D 156 -29.54 -6.61 53.66
N TYR D 157 -28.70 -7.62 53.94
CA TYR D 157 -28.39 -8.65 52.97
C TYR D 157 -29.62 -9.42 52.54
N LYS D 158 -30.50 -9.75 53.50
CA LYS D 158 -31.68 -10.55 53.18
C LYS D 158 -32.64 -9.78 52.28
N GLU D 159 -32.81 -8.48 52.50
CA GLU D 159 -33.73 -7.72 51.67
C GLU D 159 -33.19 -7.56 50.25
N ARG D 160 -31.89 -7.35 50.10
CA ARG D 160 -31.32 -7.11 48.78
C ARG D 160 -31.33 -8.37 47.92
N LEU D 161 -31.31 -9.55 48.54
CA LEU D 161 -31.39 -10.80 47.80
C LEU D 161 -32.82 -11.24 47.50
N GLY D 162 -33.81 -10.58 48.10
CA GLY D 162 -35.18 -10.97 47.87
C GLY D 162 -35.60 -12.22 48.61
N LEU D 163 -34.89 -12.60 49.65
CA LEU D 163 -35.25 -13.79 50.42
C LEU D 163 -36.52 -13.51 51.21
N PRO D 164 -37.51 -14.41 51.20
CA PRO D 164 -38.76 -14.15 51.90
C PRO D 164 -38.57 -14.19 53.41
N PRO D 165 -39.43 -13.52 54.17
CA PRO D 165 -39.30 -13.55 55.63
C PRO D 165 -39.48 -14.93 56.24
N LYS D 166 -40.15 -15.85 55.53
CA LYS D 166 -40.30 -17.21 56.04
C LYS D 166 -38.96 -17.92 56.13
N ILE D 167 -38.05 -17.64 55.22
CA ILE D 167 -36.72 -18.23 55.24
C ILE D 167 -35.87 -17.52 56.27
N VAL D 168 -34.91 -18.24 56.85
CA VAL D 168 -34.06 -17.72 57.92
C VAL D 168 -32.61 -18.02 57.56
N ILE D 169 -31.75 -17.03 57.79
CA ILE D 169 -30.33 -17.13 57.50
C ILE D 169 -29.54 -16.96 58.79
N GLY D 170 -28.43 -17.69 58.90
CA GLY D 170 -27.63 -17.65 60.10
C GLY D 170 -26.22 -17.13 59.89
N TYR D 171 -25.56 -16.77 60.99
CA TYR D 171 -24.20 -16.28 60.99
C TYR D 171 -23.37 -17.11 61.95
N GLN D 172 -22.26 -17.65 61.46
CA GLN D 172 -21.41 -18.53 62.24
C GLN D 172 -20.00 -17.95 62.30
N SER D 173 -19.38 -18.03 63.48
CA SER D 173 -18.01 -17.57 63.64
C SER D 173 -17.05 -18.55 62.97
N HIS D 174 -15.97 -17.99 62.43
CA HIS D 174 -14.95 -18.84 61.81
C HIS D 174 -14.30 -19.77 62.82
N ALA D 175 -14.18 -19.32 64.08
CA ALA D 175 -13.60 -20.17 65.11
C ALA D 175 -14.52 -21.34 65.44
N ASP D 176 -15.83 -21.11 65.45
CA ASP D 176 -16.80 -22.16 65.73
C ASP D 176 -16.86 -23.18 64.60
N LYS D 186 -23.33 -24.15 65.03
CA LYS D 186 -24.07 -23.25 65.92
C LYS D 186 -24.07 -21.82 65.39
N ASN D 187 -25.26 -21.31 65.10
CA ASN D 187 -25.41 -19.96 64.58
C ASN D 187 -25.50 -18.98 65.75
N ARG D 188 -24.68 -17.93 65.71
CA ARG D 188 -24.70 -16.92 66.75
C ARG D 188 -25.79 -15.86 66.51
N PHE D 189 -26.07 -15.54 65.26
CA PHE D 189 -27.11 -14.57 64.92
C PHE D 189 -28.00 -15.14 63.83
N VAL D 190 -29.26 -14.72 63.84
CA VAL D 190 -30.25 -15.16 62.86
C VAL D 190 -31.05 -13.96 62.38
N VAL D 191 -31.33 -13.93 61.09
CA VAL D 191 -32.06 -12.82 60.49
C VAL D 191 -33.15 -13.34 59.56
C1 OYW E . -11.95 18.74 13.24
C1 OYW E . -11.97 18.66 13.20
C2 OYW E . -10.96 23.05 13.31
C2 OYW E . -11.03 22.99 13.30
C3 OYW E . -9.52 21.25 13.37
C3 OYW E . -9.58 21.20 13.36
C4 OYW E . -10.55 20.40 13.32
C4 OYW E . -10.60 20.33 13.30
C5 OYW E . -11.79 20.88 13.25
C5 OYW E . -11.84 20.81 13.23
C6 OYW E . -14.12 20.01 13.15
C6 OYW E . -14.16 19.91 13.09
C7 OYW E . -14.58 20.52 11.77
C7 OYW E . -14.61 20.48 11.76
C8 OYW E . -14.65 19.16 11.10
C8 OYW E . -14.69 19.19 10.97
C9 OYW E . -15.44 18.37 12.16
C9 OYW E . -15.49 18.31 11.95
C10 OYW E . -15.41 16.89 11.75
C10 OYW E . -15.48 16.86 11.40
C11 OYW E . -9.61 18.00 13.35
C11 OYW E . -9.63 17.96 13.33
C12 OYW E . -9.52 17.48 14.63
C12 OYW E . -9.54 17.46 14.62
C13 OYW E . -10.19 15.84 16.27
C13 OYW E . -10.20 15.85 16.28
C14 OYW E . -10.27 16.36 14.99
C14 OYW E . -10.29 16.35 14.99
C15 OYW E . -9.35 16.45 17.20
C15 OYW E . -9.36 16.45 17.20
C16 OYW E . -8.69 18.07 15.56
C16 OYW E . -8.69 18.07 15.54
C17 OYW E . -8.60 17.56 16.85
C17 OYW E . -8.61 17.56 16.83
N1 OYW E . -10.65 19.05 13.30
N1 OYW E . -10.68 19.00 13.28
N2 OYW E . -11.99 22.21 13.26
N2 OYW E . -12.06 22.14 13.23
N3 OYW E . -11.17 24.37 13.31
N3 OYW E . -11.25 24.31 13.29
N4 OYW E . -9.71 22.57 13.37
N4 OYW E . -9.78 22.53 13.36
N5 OYW E . -12.64 19.87 13.23
N5 OYW E . -12.68 19.78 13.18
O1 OYW E . -16.79 14.28 13.56
O1 OYW E . -14.94 13.77 7.99
O2 OYW E . -18.84 14.72 12.12
O2 OYW E . -16.46 11.73 7.89
O3 OYW E . -18.13 12.41 12.49
O3 OYW E . -17.22 13.71 9.09
O4 OYW E . -16.69 14.03 11.02
O4 OYW E . -15.26 12.26 10.02
O5 OYW E . -14.69 18.71 13.31
O5 OYW E . -14.74 18.58 13.15
O6 OYW E . -8.27 20.72 13.42
O6 OYW E . -8.32 20.69 13.43
O7 OYW E . -15.88 21.09 11.90
O7 OYW E . -15.92 21.05 11.93
O8 OYW E . -15.38 19.26 9.86
O8 OYW E . -15.42 19.40 9.75
O9 OYW E . -14.05 16.46 11.65
O9 OYW E . -14.13 16.40 11.32
O10 OYW E . -14.22 14.49 13.26
O10 OYW E . -12.35 15.38 12.72
O11 OYW E . -12.18 14.92 12.00
O11 OYW E . -14.58 15.12 13.27
O12 OYW E . -14.12 14.02 10.69
O12 OYW E . -13.81 13.95 11.38
O13 OYW E . -15.51 12.36 9.47
O13 OYW E . -15.03 12.17 12.59
O14 OYW E . -15.29 12.06 11.90
O14 OYW E . -16.39 13.96 11.61
P1 OYW E . -17.68 13.82 12.30
P1 OYW E . -16.05 12.88 8.75
P2 OYW E . -13.66 14.91 11.96
P2 OYW E . -13.63 15.14 12.23
P3 OYW E . -15.43 13.04 10.78
P3 OYW E . -15.21 13.08 11.44
CL1 OYW E . -9.24 15.81 18.81
CL1 OYW E . -9.25 15.85 18.81
C1 GOL F . -7.03 -0.33 7.92
O1 GOL F . -7.22 1.06 8.03
C2 GOL F . -6.65 -0.89 9.30
O2 GOL F . -5.25 -0.84 9.45
C3 GOL F . -7.12 -2.34 9.40
O3 GOL F . -6.80 -2.84 10.68
C1 OYW G . 3.26 -19.63 -16.07
C1 OYW G . 3.23 -19.59 -16.06
C2 OYW G . 4.96 -23.56 -14.96
C2 OYW G . 4.92 -23.55 -15.02
C3 OYW G . 5.83 -21.45 -14.59
C3 OYW G . 5.81 -21.45 -14.63
C4 OYW G . 4.77 -20.88 -15.19
C4 OYW G . 4.75 -20.85 -15.21
C5 OYW G . 3.81 -21.68 -15.66
C5 OYW G . 3.77 -21.63 -15.68
C6 OYW G . 1.64 -21.33 -16.89
C6 OYW G . 1.58 -21.27 -16.85
C7 OYW G . 0.57 -21.82 -15.92
C7 OYW G . 0.59 -21.80 -15.81
C8 OYW G . -0.07 -20.47 -15.62
C8 OYW G . -0.06 -20.47 -15.46
C9 OYW G . -0.23 -19.93 -17.04
C9 OYW G . -0.35 -19.91 -16.85
C10 OYW G . -0.64 -18.45 -16.92
C10 OYW G . -0.78 -18.44 -16.67
C11 OYW G . 5.09 -18.33 -15.12
C11 OYW G . 5.10 -18.31 -15.13
C12 OYW G . 5.74 -17.82 -16.25
C12 OYW G . 5.74 -17.82 -16.27
C13 OYW G . 5.64 -16.67 -18.37
C13 OYW G . 5.64 -16.68 -18.39
C14 OYW G . 5.00 -17.16 -17.23
C14 OYW G . 5.01 -17.17 -17.25
C15 OYW G . 7.01 -16.84 -18.52
C15 OYW G . 7.01 -16.85 -18.54
C16 OYW G . 7.11 -17.99 -16.41
C16 OYW G . 7.12 -17.99 -16.42
C17 OYW G . 7.74 -17.49 -17.54
C17 OYW G . 7.75 -17.50 -17.55
N1 OYW G . 4.42 -19.61 -15.43
N1 OYW G . 4.41 -19.58 -15.44
N2 OYW G . 3.90 -23.00 -15.58
N2 OYW G . 3.86 -22.97 -15.60
N3 OYW G . 5.04 -24.89 -14.86
N3 OYW G . 4.99 -24.87 -14.92
N4 OYW G . 5.91 -22.78 -14.47
N4 OYW G . 5.90 -22.78 -14.53
N5 OYW G . 2.89 -20.90 -16.24
N5 OYW G . 2.84 -20.84 -16.22
O1 OYW G . -4.22 -15.36 -18.97
O1 OYW G . -2.14 -15.61 -12.97
O2 OYW G . -3.74 -16.63 -17.08
O2 OYW G . -4.35 -14.48 -13.56
O3 OYW G . -3.16 -17.43 -19.17
O3 OYW G . -3.69 -16.47 -14.79
O4 OYW G . -1.96 -15.46 -18.21
O4 OYW G . -2.39 -14.24 -15.09
O5 OYW G . 1.06 -20.19 -17.55
O5 OYW G . 0.95 -20.13 -17.44
O6 OYW G . 6.79 -20.63 -14.09
O6 OYW G . 6.79 -20.64 -14.15
O7 OYW G . -0.36 -22.67 -16.62
O7 OYW G . -0.35 -22.64 -16.48
O8 OYW G . -1.33 -20.64 -14.96
O8 OYW G . -1.27 -20.68 -14.72
O9 OYW G . 0.30 -17.75 -16.12
O9 OYW G . 0.27 -17.70 -16.03
O10 OYW G . 0.95 -15.81 -17.64
O10 OYW G . 2.07 -16.08 -16.52
O11 OYW G . 1.50 -15.81 -15.26
O11 OYW G . 0.26 -16.27 -17.93
O12 OYW G . -0.93 -15.46 -15.85
O12 OYW G . -0.13 -15.27 -15.84
O13 OYW G . -3.00 -14.19 -16.22
O13 OYW G . -1.31 -13.73 -17.38
O14 OYW G . -0.95 -13.29 -17.22
O14 OYW G . -2.32 -15.94 -17.02
P1 OYW G . -3.32 -16.30 -18.36
P1 OYW G . -3.21 -15.24 -14.12
P2 OYW G . 0.47 -16.16 -16.28
P2 OYW G . 0.69 -16.23 -16.59
P3 OYW G . -1.72 -14.52 -16.89
P3 OYW G . -1.59 -14.81 -16.40
CL1 OYW G . 7.79 -16.22 -19.92
CL1 OYW G . 7.79 -16.25 -19.96
C1 GOL H . 1.46 -1.21 -9.77
O1 GOL H . 0.58 -2.26 -9.44
C2 GOL H . 0.71 -0.15 -10.57
O2 GOL H . 0.09 0.75 -9.69
C3 GOL H . 1.67 0.59 -11.49
O3 GOL H . 0.95 1.44 -12.35
C1 OYW I . 15.54 23.79 -52.29
C2 OYW I . 19.96 23.75 -52.27
C3 OYW I . 18.50 22.00 -52.66
C4 OYW I . 17.45 22.81 -52.49
C5 OYW I . 17.67 24.09 -52.22
C6 OYW I . 16.30 26.12 -51.77
C7 OYW I . 16.82 27.04 -52.87
C8 OYW I . 15.57 27.06 -53.72
C9 OYW I . 14.51 27.36 -52.65
C10 OYW I . 13.15 27.19 -53.30
C11 OYW I . 15.30 21.41 -52.82
C12 OYW I . 14.79 20.88 -51.63
C13 OYW I . 13.13 20.91 -49.89
C14 OYW I . 13.65 21.43 -51.07
C15 OYW I . 13.76 19.83 -49.27
C16 OYW I . 15.41 19.80 -51.03
C17 OYW I . 14.89 19.27 -49.84
N1 OYW I . 16.12 22.62 -52.54
N2 OYW I . 18.92 24.57 -52.10
N3 OYW I . 21.21 24.23 -52.15
N4 OYW I . 19.75 22.46 -52.55
N5 OYW I . 16.49 24.69 -52.09
O1 OYW I . 9.38 29.40 -55.76
O2 OYW I . 11.56 28.12 -55.54
O3 OYW I . 10.46 28.14 -57.70
O4 OYW I . 9.41 26.86 -55.69
O5 OYW I . 14.89 26.38 -51.67
O6 OYW I . 18.26 20.70 -52.96
O7 OYW I . 17.06 28.34 -52.31
O8 OYW I . 15.63 28.12 -54.69
O9 OYW I . 13.01 25.86 -53.81
O10 OYW I . 12.30 23.61 -53.09
O11 OYW I . 11.45 25.50 -52.07
O12 OYW I . 10.72 25.05 -54.28
O13 OYW I . 8.39 25.66 -53.63
O14 OYW I . 10.12 27.37 -53.24
P1 OYW I . 10.26 28.13 -56.22
P2 OYW I . 11.82 24.91 -53.28
P3 OYW I . 9.62 26.30 -54.15
CL1 OYW I . 13.11 19.18 -47.80
C1 OYW J . -11.58 -23.60 53.14
C2 OYW J . -7.78 -22.73 55.21
C3 OYW J . -9.51 -21.28 54.70
C4 OYW J . -10.21 -22.27 54.13
C5 OYW J . -9.67 -23.49 54.10
C6 OYW J . -10.24 -25.76 53.30
C7 OYW J . -10.14 -26.49 54.63
C8 OYW J . -11.59 -26.81 54.81
C9 OYW J . -11.91 -27.39 53.42
C10 OYW J . -13.43 -27.56 53.32
C11 OYW J . -12.42 -21.28 53.27
C12 OYW J . -12.29 -20.78 51.97
C13 OYW J . -12.54 -21.07 49.59
C14 OYW J . -12.66 -21.56 50.88
C15 OYW J . -12.04 -19.79 49.38
C16 OYW J . -11.80 -19.50 51.77
C17 OYW J . -11.68 -19.01 50.47
N1 OYW J . -11.40 -22.34 53.52
N2 OYW J . -8.46 -23.72 54.65
N3 OYW J . -6.58 -22.96 55.74
N4 OYW J . -8.30 -21.49 55.25
N5 OYW J . -10.53 -24.31 53.50
O1 OYW J . -17.85 -30.39 54.14
O2 OYW J . -15.55 -29.39 53.80
O3 OYW J . -16.77 -28.80 55.81
O4 OYW J . -17.59 -27.93 53.47
O5 OYW J . -11.35 -26.35 52.60
O6 OYW J . -10.06 -20.04 54.72
O7 OYW J . -9.39 -27.70 54.41
O8 OYW J . -11.77 -27.81 55.82
O9 OYW J . -14.05 -26.28 53.44
O10 OYW J . -14.44 -24.30 52.02
O11 OYW J . -14.32 -26.39 51.09
O12 OYW J . -16.26 -25.91 52.36
O13 OYW J . -17.93 -27.17 50.99
O14 OYW J . -15.87 -28.37 51.54
P1 OYW J . -16.88 -29.12 54.36
P2 OYW J . -14.80 -25.64 52.16
P3 OYW J . -16.90 -27.42 52.02
CL1 OYW J . -11.90 -19.18 47.78
#